data_2JLW
#
_entry.id   2JLW
#
_cell.length_a   132.432
_cell.length_b   104.628
_cell.length_c   72.317
_cell.angle_alpha   90.00
_cell.angle_beta   117.67
_cell.angle_gamma   90.00
#
_symmetry.space_group_name_H-M   'C 1 2 1'
#
loop_
_entity.id
_entity.type
_entity.pdbx_description
1 polymer 'SERINE PROTEASE SUBUNIT NS3'
2 polymer "5'-R(*UP*AP*GP*AP*CP*UP*AP*AP*CP*AP*AP*CP*U)-3'"
3 non-polymer 'PHOSPHATE ION'
4 non-polymer GLYCEROL
5 water water
#
loop_
_entity_poly.entity_id
_entity_poly.type
_entity_poly.pdbx_seq_one_letter_code
_entity_poly.pdbx_strand_id
1 'polypeptide(L)'
;GSAMGEPDYEVDEDIFRKKRLTIMDLHPGAGKTKRILPSIVREALKRRLRTLILAPTRVVAAEMEEALRGLPIRYQTPAV
KSDHTGREIVDLMCHATFTTRLLSSTRVPNYNLIVMDEAHFTDPCSVAARGYISTRVEMGEAAAIFMTATPPGSIDPFPQ
SNSPIEDIEREIPERSWNTGFDWITDYQGKTVWFVPSIKAGNDIANCLRKSGKRVIQLSRKTFDTEYPKTKLTDWDFVVT
TDISEMGANFRAGRVIDPRRCLKPVILTDGPERVILAGPIPVTPASAAQRRGRIGRNPAQEDDQYVFSGDPLKNDEDHAH
WTEAKMLLDNIYTPEGIIPTLFGPEREKTQAIDGEFRLRGEQRKTFVELMRRGDLPVWLSYKVASAGISYKDREWCFTGE
RNNQILEENMEVEIWTREGEKKKLRPKWLDARVYADPMALKDFKEFASGRK
;
A,B
2 'polyribonucleotide' UAGACUAACAACU C,D
#
# COMPACT_ATOMS: atom_id res chain seq x y z
N GLY A 1 20.39 20.17 -21.05
CA GLY A 1 19.75 21.12 -20.12
C GLY A 1 18.31 20.76 -19.81
N SER A 2 17.69 21.52 -18.91
CA SER A 2 16.31 21.31 -18.52
C SER A 2 15.71 22.60 -18.00
N ALA A 3 14.39 22.70 -18.03
CA ALA A 3 13.69 23.75 -17.29
C ALA A 3 13.60 23.34 -15.81
N MET A 4 13.10 24.24 -14.97
CA MET A 4 12.96 23.98 -13.54
C MET A 4 12.08 22.76 -13.24
N GLY A 5 10.96 22.63 -13.97
CA GLY A 5 10.02 21.54 -13.75
C GLY A 5 10.61 20.16 -14.03
N GLU A 6 10.85 19.91 -15.31
CA GLU A 6 11.27 18.61 -15.84
C GLU A 6 12.69 18.20 -15.45
N PRO A 7 13.00 16.90 -15.52
CA PRO A 7 14.35 16.41 -15.31
C PRO A 7 15.23 16.68 -16.54
N ASP A 8 16.55 16.65 -16.35
CA ASP A 8 17.49 16.91 -17.45
C ASP A 8 17.52 15.74 -18.44
N TYR A 9 17.62 16.08 -19.71
CA TYR A 9 17.71 15.14 -20.81
C TYR A 9 19.14 14.57 -20.90
N GLU A 10 20.11 15.38 -20.48
CA GLU A 10 21.53 15.04 -20.53
C GLU A 10 21.95 14.52 -19.16
N VAL A 11 22.59 13.35 -19.14
CA VAL A 11 23.07 12.72 -17.91
C VAL A 11 24.52 12.33 -18.11
N ASP A 12 25.36 12.64 -17.13
CA ASP A 12 26.78 12.36 -17.20
C ASP A 12 26.98 10.84 -17.21
N GLU A 13 27.67 10.33 -18.22
CA GLU A 13 27.92 8.88 -18.32
C GLU A 13 28.93 8.39 -17.27
N ASP A 14 29.75 9.31 -16.79
CA ASP A 14 30.72 9.07 -15.72
C ASP A 14 30.10 8.38 -14.50
N ILE A 15 28.86 8.73 -14.15
CA ILE A 15 28.24 8.21 -12.93
C ILE A 15 27.78 6.75 -13.02
N PHE A 16 27.81 6.18 -14.22
CA PHE A 16 27.35 4.81 -14.41
C PHE A 16 28.47 3.77 -14.43
N ARG A 17 29.71 4.24 -14.46
CA ARG A 17 30.88 3.37 -14.48
C ARG A 17 31.04 2.60 -13.17
N LYS A 18 31.14 1.27 -13.28
CA LYS A 18 31.49 0.41 -12.14
C LYS A 18 32.78 0.93 -11.50
N LYS A 19 32.89 0.79 -10.19
CA LYS A 19 34.02 1.34 -9.43
C LYS A 19 33.90 2.84 -9.13
N ARG A 20 32.79 3.46 -9.52
CA ARG A 20 32.60 4.91 -9.30
C ARG A 20 31.51 5.22 -8.29
N LEU A 21 31.88 5.92 -7.22
CA LEU A 21 30.90 6.42 -6.26
C LEU A 21 30.75 7.93 -6.42
N THR A 22 29.59 8.36 -6.90
CA THR A 22 29.29 9.78 -7.02
C THR A 22 28.65 10.28 -5.75
N ILE A 23 29.21 11.34 -5.18
CA ILE A 23 28.58 11.99 -4.05
C ILE A 23 27.92 13.26 -4.56
N MET A 24 26.60 13.34 -4.44
CA MET A 24 25.85 14.53 -4.88
C MET A 24 25.46 15.42 -3.70
N ASP A 25 26.33 16.38 -3.38
CA ASP A 25 26.09 17.37 -2.35
C ASP A 25 25.47 18.60 -3.00
N LEU A 26 24.15 18.70 -2.89
CA LEU A 26 23.42 19.84 -3.42
C LEU A 26 22.47 20.38 -2.35
N HIS A 27 22.35 21.70 -2.27
CA HIS A 27 21.60 22.32 -1.19
C HIS A 27 20.12 21.91 -1.21
N PRO A 28 19.46 21.94 -0.03
CA PRO A 28 18.05 21.55 0.02
C PRO A 28 17.21 22.31 -1.00
N GLY A 29 16.39 21.60 -1.75
CA GLY A 29 15.48 22.21 -2.72
C GLY A 29 16.02 22.35 -4.12
N ALA A 30 17.24 21.87 -4.34
CA ALA A 30 17.87 21.95 -5.66
C ALA A 30 17.34 20.92 -6.68
N GLY A 31 16.21 20.28 -6.36
CA GLY A 31 15.55 19.34 -7.28
C GLY A 31 16.25 18.00 -7.40
N LYS A 32 17.03 17.65 -6.37
CA LYS A 32 17.76 16.39 -6.36
C LYS A 32 16.82 15.18 -6.53
N THR A 33 15.71 15.21 -5.82
CA THR A 33 14.77 14.11 -5.86
C THR A 33 13.89 14.22 -7.07
N LYS A 34 13.30 15.40 -7.26
CA LYS A 34 12.28 15.57 -8.29
C LYS A 34 12.84 15.77 -9.70
N ARG A 35 14.09 16.19 -9.80
CA ARG A 35 14.71 16.40 -11.11
C ARG A 35 15.79 15.37 -11.40
N ILE A 36 16.79 15.29 -10.53
CA ILE A 36 17.97 14.51 -10.86
C ILE A 36 17.69 13.01 -10.86
N LEU A 37 16.92 12.55 -9.88
CA LEU A 37 16.63 11.11 -9.75
C LEU A 37 15.93 10.50 -10.99
N PRO A 38 14.83 11.12 -11.47
CA PRO A 38 14.25 10.62 -12.72
C PRO A 38 15.22 10.56 -13.91
N SER A 39 16.14 11.51 -14.00
CA SER A 39 17.18 11.49 -15.04
C SER A 39 18.06 10.24 -14.98
N ILE A 40 18.56 9.94 -13.78
CA ILE A 40 19.37 8.75 -13.55
C ILE A 40 18.59 7.50 -13.94
N VAL A 41 17.37 7.39 -13.44
CA VAL A 41 16.54 6.21 -13.65
C VAL A 41 16.27 5.98 -15.12
N ARG A 42 15.85 7.04 -15.80
CA ARG A 42 15.67 7.01 -17.25
C ARG A 42 16.91 6.45 -17.97
N GLU A 43 18.09 6.99 -17.62
CA GLU A 43 19.35 6.54 -18.20
C GLU A 43 19.80 5.18 -17.69
N ALA A 44 19.36 4.80 -16.48
CA ALA A 44 19.58 3.45 -15.98
C ALA A 44 18.90 2.42 -16.89
N LEU A 45 17.63 2.67 -17.20
CA LEU A 45 16.82 1.75 -18.01
C LEU A 45 17.35 1.56 -19.42
N LYS A 46 17.69 2.65 -20.12
CA LYS A 46 18.29 2.55 -21.46
C LYS A 46 19.62 1.80 -21.42
N ARG A 47 20.39 2.03 -20.36
CA ARG A 47 21.64 1.30 -20.16
C ARG A 47 21.38 -0.15 -19.74
N ARG A 48 20.16 -0.42 -19.28
CA ARG A 48 19.73 -1.78 -18.94
C ARG A 48 20.39 -2.28 -17.64
N LEU A 49 20.48 -1.41 -16.65
CA LEU A 49 21.17 -1.72 -15.42
C LEU A 49 20.21 -2.14 -14.32
N ARG A 50 20.61 -3.18 -13.60
CA ARG A 50 19.86 -3.67 -12.45
C ARG A 50 20.06 -2.64 -11.36
N THR A 51 18.97 -1.95 -11.00
CA THR A 51 19.09 -0.70 -10.27
C THR A 51 18.35 -0.74 -8.95
N LEU A 52 18.99 -0.21 -7.92
CA LEU A 52 18.40 -0.10 -6.59
C LEU A 52 18.27 1.34 -6.16
N ILE A 53 17.06 1.77 -5.85
CA ILE A 53 16.85 3.11 -5.27
C ILE A 53 16.48 3.02 -3.80
N LEU A 54 17.21 3.73 -2.96
CA LEU A 54 17.01 3.67 -1.51
C LEU A 54 16.55 4.99 -0.87
N ALA A 55 15.45 4.90 -0.13
CA ALA A 55 14.89 6.05 0.57
C ALA A 55 14.86 5.83 2.09
N PRO A 56 15.30 6.84 2.87
CA PRO A 56 15.38 6.66 4.33
C PRO A 56 14.03 6.40 4.99
N THR A 57 12.99 7.06 4.51
CA THR A 57 11.69 6.98 5.15
C THR A 57 10.62 6.86 4.08
N ARG A 58 9.42 6.46 4.51
CA ARG A 58 8.27 6.38 3.63
C ARG A 58 7.90 7.74 3.02
N VAL A 59 8.17 8.81 3.79
CA VAL A 59 7.98 10.18 3.32
C VAL A 59 8.80 10.46 2.07
N VAL A 60 10.09 10.12 2.12
CA VAL A 60 10.97 10.27 0.96
C VAL A 60 10.54 9.31 -0.15
N ALA A 61 10.25 8.07 0.22
CA ALA A 61 9.73 7.09 -0.72
C ALA A 61 8.57 7.68 -1.54
N ALA A 62 7.62 8.32 -0.85
CA ALA A 62 6.43 8.89 -1.46
C ALA A 62 6.73 10.08 -2.38
N GLU A 63 7.64 10.96 -1.95
CA GLU A 63 8.06 12.10 -2.79
C GLU A 63 8.75 11.59 -4.04
N MET A 64 9.42 10.45 -3.93
CA MET A 64 10.04 9.78 -5.07
C MET A 64 9.01 9.30 -6.09
N GLU A 65 7.94 8.65 -5.59
CA GLU A 65 6.89 8.12 -6.46
C GLU A 65 6.24 9.17 -7.35
N GLU A 66 6.05 10.38 -6.80
CA GLU A 66 5.49 11.48 -7.56
C GLU A 66 6.40 11.85 -8.71
N ALA A 67 7.71 11.88 -8.44
CA ALA A 67 8.72 12.25 -9.42
C ALA A 67 9.03 11.15 -10.42
N LEU A 68 8.68 9.91 -10.11
CA LEU A 68 9.00 8.77 -10.97
C LEU A 68 7.78 8.13 -11.63
N ARG A 69 6.61 8.70 -11.36
CA ARG A 69 5.35 8.12 -11.83
C ARG A 69 5.41 7.78 -13.31
N GLY A 70 4.99 6.56 -13.65
CA GLY A 70 4.94 6.12 -15.05
C GLY A 70 6.16 5.35 -15.52
N LEU A 71 7.19 5.30 -14.69
CA LEU A 71 8.38 4.51 -14.99
C LEU A 71 8.22 3.08 -14.46
N PRO A 72 8.74 2.07 -15.19
CA PRO A 72 8.65 0.68 -14.73
C PRO A 72 9.49 0.41 -13.47
N ILE A 73 9.00 0.86 -12.32
CA ILE A 73 9.72 0.70 -11.06
C ILE A 73 8.95 -0.22 -10.11
N ARG A 74 9.67 -1.16 -9.50
CA ARG A 74 9.12 -2.03 -8.47
C ARG A 74 9.24 -1.39 -7.07
N TYR A 75 8.12 -1.01 -6.48
CA TYR A 75 8.10 -0.40 -5.14
C TYR A 75 7.92 -1.48 -4.07
N GLN A 76 8.91 -1.58 -3.18
CA GLN A 76 8.86 -2.55 -2.10
C GLN A 76 8.83 -1.79 -0.79
N THR A 77 7.74 -1.05 -0.63
CA THR A 77 7.45 -0.28 0.56
C THR A 77 5.95 -0.06 0.67
N PRO A 78 5.38 -0.22 1.89
CA PRO A 78 3.97 0.07 2.14
C PRO A 78 3.56 1.52 1.81
N ALA A 79 4.52 2.42 1.70
CA ALA A 79 4.24 3.81 1.32
C ALA A 79 3.64 3.94 -0.08
N VAL A 80 4.17 3.16 -1.02
CA VAL A 80 3.68 3.16 -2.39
C VAL A 80 3.17 1.79 -2.79
N LYS A 81 1.91 1.73 -3.19
CA LYS A 81 1.39 0.55 -3.86
C LYS A 81 1.14 0.86 -5.33
N SER A 82 1.74 0.05 -6.19
CA SER A 82 1.54 0.20 -7.63
C SER A 82 1.60 -1.13 -8.37
N ASP A 83 1.00 -1.13 -9.56
CA ASP A 83 0.96 -2.31 -10.42
C ASP A 83 2.38 -2.62 -10.87
N HIS A 84 2.74 -3.89 -10.78
CA HIS A 84 4.06 -4.33 -11.19
C HIS A 84 4.06 -5.70 -11.85
N THR A 85 4.65 -5.76 -13.03
CA THR A 85 4.92 -7.03 -13.70
C THR A 85 6.34 -7.41 -13.34
N GLY A 86 6.48 -8.42 -12.49
CA GLY A 86 7.76 -8.79 -11.83
C GLY A 86 9.06 -8.75 -12.61
N ARG A 87 8.99 -8.30 -13.87
CA ARG A 87 10.14 -8.20 -14.76
C ARG A 87 10.83 -6.84 -14.74
N GLU A 88 10.48 -5.99 -13.77
CA GLU A 88 11.17 -4.70 -13.58
C GLU A 88 12.64 -4.94 -13.36
N ILE A 89 13.45 -3.93 -13.66
CA ILE A 89 14.90 -3.99 -13.43
C ILE A 89 15.33 -2.89 -12.47
N VAL A 90 14.35 -2.11 -12.02
CA VAL A 90 14.56 -1.04 -11.02
C VAL A 90 13.71 -1.32 -9.79
N ASP A 91 14.36 -1.43 -8.65
CA ASP A 91 13.70 -1.59 -7.35
C ASP A 91 13.81 -0.32 -6.52
N LEU A 92 12.80 -0.05 -5.71
CA LEU A 92 12.85 1.04 -4.77
C LEU A 92 12.39 0.53 -3.41
N MET A 93 13.18 0.78 -2.37
CA MET A 93 12.85 0.40 -0.99
C MET A 93 13.54 1.33 0.02
N CYS A 94 13.26 1.10 1.30
CA CYS A 94 13.85 1.90 2.37
C CYS A 94 15.20 1.36 2.79
N HIS A 95 16.05 2.24 3.31
CA HIS A 95 17.40 1.87 3.74
C HIS A 95 17.41 0.67 4.67
N ALA A 96 16.50 0.65 5.64
CA ALA A 96 16.47 -0.43 6.62
C ALA A 96 15.97 -1.72 6.00
N THR A 97 15.13 -1.60 4.98
CA THR A 97 14.55 -2.77 4.33
C THR A 97 15.66 -3.52 3.61
N PHE A 98 16.48 -2.78 2.88
CA PHE A 98 17.61 -3.34 2.15
C PHE A 98 18.60 -4.05 3.07
N THR A 99 18.92 -3.40 4.19
CA THR A 99 19.86 -3.98 5.15
C THR A 99 19.35 -5.31 5.73
N THR A 100 18.09 -5.33 6.17
CA THR A 100 17.54 -6.56 6.76
C THR A 100 17.46 -7.68 5.73
N ARG A 101 17.18 -7.31 4.48
CA ARG A 101 17.26 -8.23 3.34
C ARG A 101 18.64 -8.87 3.24
N LEU A 102 19.67 -8.01 3.28
CA LEU A 102 21.06 -8.46 3.28
C LEU A 102 21.37 -9.48 4.38
N LEU A 103 20.71 -9.32 5.52
CA LEU A 103 20.94 -10.19 6.67
C LEU A 103 20.10 -11.45 6.58
N SER A 104 19.07 -11.43 5.75
CA SER A 104 18.17 -12.58 5.60
C SER A 104 18.33 -13.25 4.25
N THR A 106 19.76 -12.21 1.82
CA THR A 106 20.04 -13.45 1.10
C THR A 106 18.76 -14.06 0.54
N ARG A 107 18.65 -14.14 -0.80
CA ARG A 107 19.68 -13.67 -1.73
C ARG A 107 19.18 -12.48 -2.55
N VAL A 108 20.01 -11.44 -2.63
CA VAL A 108 19.63 -10.14 -3.14
C VAL A 108 20.08 -9.99 -4.60
N PRO A 109 19.27 -9.30 -5.44
CA PRO A 109 19.68 -9.03 -6.82
C PRO A 109 21.09 -8.41 -6.93
N ASN A 110 21.86 -8.86 -7.90
CA ASN A 110 23.17 -8.29 -8.13
C ASN A 110 23.09 -6.95 -8.85
N TYR A 111 22.89 -5.87 -8.10
CA TYR A 111 22.69 -4.53 -8.66
C TYR A 111 23.96 -3.92 -9.26
N ASN A 112 23.88 -3.51 -10.52
CA ASN A 112 24.93 -2.74 -11.18
C ASN A 112 24.96 -1.29 -10.73
N LEU A 113 23.78 -0.78 -10.35
CA LEU A 113 23.62 0.62 -10.01
C LEU A 113 22.79 0.78 -8.74
N ILE A 114 23.33 1.51 -7.78
CA ILE A 114 22.63 1.74 -6.53
C ILE A 114 22.57 3.24 -6.24
N VAL A 115 21.35 3.73 -6.05
CA VAL A 115 21.15 5.14 -5.77
C VAL A 115 20.65 5.29 -4.33
N MET A 116 21.49 5.82 -3.46
CA MET A 116 21.05 6.05 -2.08
C MET A 116 20.75 7.51 -1.84
N ASP A 117 19.47 7.80 -1.68
CA ASP A 117 19.04 9.14 -1.34
C ASP A 117 19.15 9.33 0.15
N GLU A 118 19.41 10.57 0.56
CA GLU A 118 19.64 10.94 1.97
C GLU A 118 20.76 10.09 2.56
N ALA A 119 21.93 10.14 1.93
CA ALA A 119 23.02 9.22 2.26
C ALA A 119 23.77 9.63 3.52
N HIS A 120 23.19 10.52 4.30
CA HIS A 120 23.77 10.92 5.59
C HIS A 120 23.07 10.23 6.77
N PHE A 121 21.85 9.72 6.53
CA PHE A 121 20.99 9.07 7.53
C PHE A 121 21.80 8.29 8.57
N THR A 122 21.68 8.68 9.84
CA THR A 122 22.49 8.09 10.92
C THR A 122 21.94 6.78 11.49
N ASP A 123 20.79 6.34 10.99
CA ASP A 123 20.19 5.05 11.30
C ASP A 123 21.20 3.92 11.06
N PRO A 124 21.41 3.05 12.06
CA PRO A 124 22.44 2.00 12.02
C PRO A 124 22.36 1.12 10.77
N CYS A 125 21.14 0.85 10.30
CA CYS A 125 20.93 0.09 9.05
C CYS A 125 21.41 0.86 7.84
N SER A 126 21.13 2.16 7.81
CA SER A 126 21.51 3.01 6.69
C SER A 126 23.03 3.12 6.59
N VAL A 127 23.67 3.35 7.75
CA VAL A 127 25.14 3.34 7.83
C VAL A 127 25.69 2.00 7.32
N ALA A 128 25.08 0.90 7.77
CA ALA A 128 25.48 -0.44 7.37
C ALA A 128 25.31 -0.68 5.86
N ALA A 129 24.19 -0.20 5.32
CA ALA A 129 23.97 -0.23 3.88
C ALA A 129 25.08 0.47 3.10
N ARG A 130 25.50 1.65 3.55
CA ARG A 130 26.56 2.40 2.85
C ARG A 130 27.87 1.65 2.83
N GLY A 131 28.16 0.89 3.89
CA GLY A 131 29.32 0.01 3.93
C GLY A 131 29.25 -1.05 2.84
N TYR A 132 28.09 -1.70 2.71
CA TYR A 132 27.89 -2.71 1.68
C TYR A 132 28.03 -2.10 0.30
N ILE A 133 27.34 -0.99 0.08
CA ILE A 133 27.35 -0.31 -1.21
C ILE A 133 28.75 0.14 -1.61
N SER A 134 29.44 0.85 -0.73
CA SER A 134 30.79 1.29 -1.08
C SER A 134 31.75 0.13 -1.33
N THR A 135 31.53 -0.99 -0.63
CA THR A 135 32.35 -2.19 -0.87
C THR A 135 32.05 -2.81 -2.25
N ARG A 136 30.79 -2.80 -2.67
CA ARG A 136 30.38 -3.29 -3.99
C ARG A 136 31.01 -2.46 -5.10
N VAL A 137 31.08 -1.15 -4.88
CA VAL A 137 31.73 -0.23 -5.81
C VAL A 137 33.22 -0.54 -5.89
N GLU A 138 33.87 -0.66 -4.74
CA GLU A 138 35.31 -0.93 -4.72
C GLU A 138 35.72 -2.26 -5.37
N MET A 139 34.83 -3.26 -5.35
CA MET A 139 35.11 -4.54 -6.02
C MET A 139 34.85 -4.47 -7.52
N GLY A 140 34.38 -3.33 -8.01
CA GLY A 140 34.04 -3.17 -9.42
C GLY A 140 32.77 -3.91 -9.82
N GLU A 141 31.92 -4.17 -8.83
CA GLU A 141 30.69 -4.90 -9.06
C GLU A 141 29.49 -3.98 -9.28
N ALA A 142 29.65 -2.71 -8.94
CA ALA A 142 28.57 -1.74 -9.08
C ALA A 142 29.07 -0.31 -9.20
N ALA A 143 28.20 0.56 -9.69
CA ALA A 143 28.35 2.00 -9.52
C ALA A 143 27.27 2.45 -8.53
N ALA A 144 27.57 3.49 -7.75
CA ALA A 144 26.60 4.00 -6.79
C ALA A 144 26.58 5.52 -6.75
N ILE A 145 25.42 6.07 -6.44
CA ILE A 145 25.28 7.50 -6.23
C ILE A 145 24.76 7.75 -4.80
N PHE A 146 25.43 8.63 -4.08
CA PHE A 146 25.00 9.03 -2.75
C PHE A 146 24.51 10.45 -2.86
N MET A 147 23.25 10.67 -2.53
CA MET A 147 22.65 11.98 -2.62
C MET A 147 22.26 12.48 -1.23
N THR A 148 22.70 13.68 -0.89
CA THR A 148 22.33 14.32 0.37
C THR A 148 22.80 15.78 0.38
N ALA A 149 21.97 16.63 0.97
CA ALA A 149 22.32 18.03 1.15
C ALA A 149 23.36 18.18 2.26
N THR A 150 23.36 17.23 3.20
CA THR A 150 24.28 17.26 4.34
C THR A 150 25.20 16.04 4.39
N PRO A 151 26.25 16.01 3.53
CA PRO A 151 27.12 14.84 3.53
C PRO A 151 27.93 14.79 4.83
N PRO A 152 28.38 13.59 5.25
CA PRO A 152 29.13 13.50 6.50
C PRO A 152 30.22 14.57 6.58
N GLY A 153 30.30 15.28 7.71
CA GLY A 153 31.22 16.40 7.84
C GLY A 153 30.54 17.73 7.69
N SER A 154 29.22 17.70 7.45
CA SER A 154 28.41 18.91 7.40
C SER A 154 28.37 19.59 8.76
N ILE A 155 28.52 20.90 8.74
CA ILE A 155 28.61 21.65 9.97
C ILE A 155 27.69 22.86 9.92
N ASP A 156 27.22 23.18 8.72
CA ASP A 156 26.43 24.38 8.47
C ASP A 156 24.95 24.10 8.68
N PRO A 157 24.36 24.67 9.75
CA PRO A 157 22.96 24.48 10.04
C PRO A 157 22.06 25.33 9.15
N PHE A 158 22.65 26.26 8.40
CA PHE A 158 21.90 27.22 7.61
C PHE A 158 22.36 27.25 6.16
N PRO A 159 22.18 26.13 5.43
CA PRO A 159 22.62 26.09 4.04
C PRO A 159 21.81 27.00 3.13
N GLN A 160 22.20 27.06 1.87
CA GLN A 160 21.53 27.87 0.88
C GLN A 160 20.18 27.28 0.52
N SER A 161 19.22 28.15 0.25
CA SER A 161 17.87 27.76 -0.16
C SER A 161 17.44 28.43 -1.47
N ASN A 162 16.34 27.94 -2.03
CA ASN A 162 15.75 28.52 -3.24
C ASN A 162 15.17 29.90 -2.96
N SER A 163 14.97 30.18 -1.69
CA SER A 163 14.36 31.42 -1.24
C SER A 163 14.99 31.89 0.06
N PRO A 164 15.09 33.21 0.27
CA PRO A 164 15.58 33.75 1.54
C PRO A 164 14.83 33.16 2.73
N ILE A 165 15.58 32.79 3.76
CA ILE A 165 15.01 32.27 4.99
C ILE A 165 15.34 33.23 6.14
N GLU A 166 14.34 33.56 6.94
CA GLU A 166 14.58 34.33 8.16
C GLU A 166 14.80 33.36 9.35
N ASP A 167 16.04 33.30 9.82
CA ASP A 167 16.42 32.46 10.96
C ASP A 167 16.24 33.21 12.28
N ILE A 168 15.31 32.72 13.11
CA ILE A 168 14.97 33.37 14.38
C ILE A 168 15.18 32.41 15.55
N GLU A 169 15.96 32.84 16.54
CA GLU A 169 16.10 32.07 17.78
C GLU A 169 15.13 32.56 18.84
N ARG A 170 14.27 31.65 19.28
CA ARG A 170 13.28 31.90 20.33
C ARG A 170 13.16 30.67 21.22
N GLU A 171 12.72 30.88 22.45
CA GLU A 171 12.38 29.76 23.31
C GLU A 171 11.16 29.05 22.72
N ILE A 172 11.20 27.73 22.71
CA ILE A 172 10.12 26.93 22.14
C ILE A 172 9.57 25.99 23.21
N PRO A 173 8.24 25.99 23.40
CA PRO A 173 7.63 25.11 24.40
C PRO A 173 7.80 23.64 24.04
N GLU A 174 8.06 22.80 25.03
CA GLU A 174 8.13 21.37 24.77
C GLU A 174 6.88 20.63 25.24
N ARG A 175 6.03 21.34 25.97
CA ARG A 175 4.74 20.83 26.43
C ARG A 175 3.66 21.86 26.10
N SER A 176 2.43 21.63 26.59
CA SER A 176 1.35 22.59 26.46
C SER A 176 1.70 23.89 27.16
N TRP A 177 0.99 24.96 26.81
CA TRP A 177 1.20 26.27 27.41
C TRP A 177 -0.10 27.08 27.38
N ASN A 178 -0.44 27.68 28.51
CA ASN A 178 -1.62 28.54 28.57
C ASN A 178 -1.35 29.94 28.01
N THR A 179 -0.19 30.50 28.34
CA THR A 179 0.21 31.86 27.91
C THR A 179 1.71 31.94 27.60
N GLY A 180 2.15 33.10 27.12
CA GLY A 180 3.57 33.39 26.93
C GLY A 180 4.13 33.15 25.54
N PHE A 181 3.37 32.49 24.67
CA PHE A 181 3.88 32.12 23.34
C PHE A 181 2.95 32.53 22.20
N ASP A 182 2.57 33.80 22.19
CA ASP A 182 1.62 34.34 21.20
C ASP A 182 2.09 34.18 19.77
N TRP A 183 3.39 34.40 19.55
CA TRP A 183 3.96 34.35 18.21
C TRP A 183 3.67 33.03 17.49
N ILE A 184 3.45 31.96 18.26
CA ILE A 184 3.07 30.68 17.68
C ILE A 184 1.72 30.77 16.98
N THR A 185 0.71 31.26 17.68
CA THR A 185 -0.65 31.28 17.18
C THR A 185 -1.04 32.52 16.35
N ASP A 186 -0.30 33.62 16.49
CA ASP A 186 -0.59 34.86 15.75
C ASP A 186 -0.15 34.80 14.28
N TYR A 187 0.94 34.06 14.03
CA TYR A 187 1.46 33.83 12.68
C TYR A 187 0.37 33.30 11.76
N GLN A 188 0.21 33.94 10.61
CA GLN A 188 -0.92 33.65 9.71
C GLN A 188 -0.71 32.47 8.77
N GLY A 189 0.55 32.14 8.50
CA GLY A 189 0.87 31.12 7.50
C GLY A 189 0.78 29.69 8.00
N LYS A 190 1.48 28.78 7.31
CA LYS A 190 1.47 27.36 7.63
C LYS A 190 2.76 26.93 8.30
N THR A 191 2.64 26.20 9.41
CA THR A 191 3.78 25.87 10.25
C THR A 191 4.09 24.38 10.30
N VAL A 192 5.38 24.05 10.24
CA VAL A 192 5.84 22.68 10.48
C VAL A 192 6.65 22.65 11.77
N TRP A 193 6.18 21.85 12.72
CA TRP A 193 6.76 21.80 14.05
C TRP A 193 7.35 20.42 14.33
N PHE A 194 8.67 20.40 14.54
CA PHE A 194 9.38 19.16 14.85
C PHE A 194 9.40 18.82 16.34
N VAL A 195 8.97 17.61 16.66
CA VAL A 195 8.91 17.18 18.06
C VAL A 195 9.67 15.87 18.24
N PRO A 196 10.32 15.70 19.41
CA PRO A 196 11.16 14.53 19.64
C PRO A 196 10.37 13.23 19.87
N SER A 197 9.09 13.32 20.23
CA SER A 197 8.28 12.12 20.46
C SER A 197 6.80 12.29 20.10
N ILE A 198 6.12 11.16 19.90
CA ILE A 198 4.68 11.17 19.61
C ILE A 198 3.88 11.73 20.79
N LYS A 199 4.22 11.32 22.02
CA LYS A 199 3.49 11.79 23.20
C LYS A 199 3.57 13.32 23.29
N ALA A 200 4.79 13.86 23.15
CA ALA A 200 5.00 15.30 23.08
C ALA A 200 4.20 15.90 21.93
N GLY A 201 4.23 15.24 20.77
CA GLY A 201 3.46 15.64 19.60
C GLY A 201 1.98 15.77 19.86
N ASN A 202 1.41 14.78 20.57
CA ASN A 202 0.00 14.79 20.96
C ASN A 202 -0.37 15.95 21.89
N ASP A 203 0.52 16.22 22.85
CA ASP A 203 0.32 17.27 23.84
C ASP A 203 0.22 18.62 23.15
N ILE A 204 1.21 18.91 22.30
CA ILE A 204 1.27 20.16 21.54
C ILE A 204 0.11 20.29 20.55
N ALA A 205 -0.24 19.18 19.90
CA ALA A 205 -1.31 19.17 18.90
C ALA A 205 -2.64 19.52 19.53
N ASN A 206 -3.03 18.77 20.57
CA ASN A 206 -4.25 19.06 21.31
C ASN A 206 -4.29 20.52 21.79
N CYS A 207 -3.13 21.02 22.20
CA CYS A 207 -2.97 22.40 22.69
C CYS A 207 -3.29 23.42 21.59
N LEU A 208 -2.80 23.15 20.39
CA LEU A 208 -3.01 24.05 19.25
C LEU A 208 -4.43 23.98 18.72
N ARG A 209 -5.06 22.81 18.84
CA ARG A 209 -6.42 22.62 18.36
C ARG A 209 -7.40 23.48 19.13
N LYS A 210 -7.32 23.44 20.46
CA LYS A 210 -8.20 24.22 21.33
C LYS A 210 -7.93 25.73 21.24
N SER A 211 -7.05 26.10 20.30
CA SER A 211 -6.76 27.48 19.98
C SER A 211 -7.40 27.85 18.61
N GLY A 212 -8.11 26.87 18.03
CA GLY A 212 -8.81 27.07 16.75
C GLY A 212 -8.02 26.70 15.52
N LYS A 213 -6.87 26.05 15.73
CA LYS A 213 -5.93 25.71 14.66
C LYS A 213 -6.17 24.31 14.09
N ARG A 214 -6.07 24.19 12.77
CA ARG A 214 -6.19 22.91 12.07
C ARG A 214 -4.86 22.18 12.11
N VAL A 215 -4.80 21.10 12.88
CA VAL A 215 -3.55 20.38 13.13
C VAL A 215 -3.57 18.96 12.57
N ILE A 216 -2.57 18.64 11.76
CA ILE A 216 -2.32 17.27 11.32
C ILE A 216 -1.06 16.79 12.00
N GLN A 217 -1.14 15.64 12.66
CA GLN A 217 0.01 15.02 13.31
C GLN A 217 0.61 13.94 12.43
N LEU A 218 1.93 13.95 12.32
CA LEU A 218 2.63 13.01 11.47
C LEU A 218 3.68 12.23 12.27
N SER A 219 3.65 10.92 12.14
CA SER A 219 4.61 10.01 12.78
C SER A 219 4.54 8.67 12.07
N ARG A 220 5.37 7.71 12.50
CA ARG A 220 5.37 6.37 11.91
C ARG A 220 4.02 5.67 12.00
N LYS A 221 3.23 6.01 13.01
CA LYS A 221 1.92 5.39 13.22
C LYS A 221 0.77 6.08 12.46
N THR A 222 0.94 7.38 12.17
CA THR A 222 -0.12 8.17 11.53
C THR A 222 0.16 8.50 10.05
N PHE A 223 1.29 8.03 9.54
CA PHE A 223 1.71 8.32 8.16
C PHE A 223 0.65 8.04 7.10
N ASP A 224 0.14 6.80 7.08
CA ASP A 224 -0.71 6.30 6.01
C ASP A 224 -1.96 7.14 5.79
N THR A 225 -2.63 7.48 6.89
CA THR A 225 -3.89 8.19 6.81
C THR A 225 -3.69 9.71 6.77
N GLU A 226 -2.59 10.17 7.37
CA GLU A 226 -2.37 11.60 7.58
C GLU A 226 -1.43 12.30 6.59
N TYR A 227 -0.50 11.57 5.99
CA TYR A 227 0.41 12.18 5.01
C TYR A 227 -0.30 12.76 3.79
N PRO A 228 -1.12 11.95 3.10
CA PRO A 228 -1.88 12.52 1.97
C PRO A 228 -2.64 13.80 2.35
N LYS A 229 -2.95 13.96 3.63
CA LYS A 229 -3.67 15.14 4.14
C LYS A 229 -2.83 16.42 4.12
N THR A 230 -1.52 16.28 4.24
CA THR A 230 -0.61 17.42 4.18
C THR A 230 -0.47 17.96 2.75
N LYS A 231 -0.73 17.08 1.78
CA LYS A 231 -0.64 17.41 0.36
C LYS A 231 -1.91 18.09 -0.16
N LEU A 232 -2.99 17.30 -0.24
CA LEU A 232 -4.21 17.70 -0.97
C LEU A 232 -5.20 18.57 -0.18
N THR A 233 -4.93 18.79 1.11
CA THR A 233 -5.86 19.49 1.99
C THR A 233 -5.28 20.80 2.54
N ASP A 234 -6.14 21.63 3.14
CA ASP A 234 -5.68 22.84 3.80
C ASP A 234 -5.63 22.70 5.32
N TRP A 235 -4.51 23.15 5.88
CA TRP A 235 -4.20 22.98 7.31
C TRP A 235 -3.34 24.13 7.84
N ASP A 236 -3.32 24.29 9.15
CA ASP A 236 -2.52 25.34 9.79
C ASP A 236 -1.17 24.81 10.25
N PHE A 237 -1.21 23.67 10.94
CA PHE A 237 -0.01 23.12 11.56
C PHE A 237 0.23 21.67 11.17
N VAL A 238 1.48 21.31 10.97
CA VAL A 238 1.87 19.92 10.97
C VAL A 238 2.81 19.72 12.15
N VAL A 239 2.38 18.87 13.09
CA VAL A 239 3.23 18.46 14.19
C VAL A 239 3.81 17.12 13.80
N THR A 240 5.13 17.04 13.76
CA THR A 240 5.78 15.85 13.23
C THR A 240 6.99 15.43 14.05
N THR A 241 7.16 14.12 14.16
CA THR A 241 8.42 13.53 14.56
C THR A 241 9.34 13.67 13.35
N ASP A 242 10.59 13.23 13.46
CA ASP A 242 11.46 13.38 12.30
C ASP A 242 11.35 12.26 11.26
N ILE A 243 10.14 11.74 11.13
CA ILE A 243 9.77 10.98 9.93
C ILE A 243 9.77 11.95 8.73
N SER A 244 9.51 13.23 9.01
CA SER A 244 9.44 14.28 7.98
C SER A 244 10.72 15.09 7.88
N GLU A 245 11.75 14.69 8.59
CA GLU A 245 12.98 15.46 8.60
C GLU A 245 13.59 15.68 7.23
N MET A 246 13.53 14.66 6.37
CA MET A 246 14.10 14.72 5.03
C MET A 246 13.05 14.67 3.93
N GLY A 247 13.35 15.33 2.82
CA GLY A 247 12.61 15.18 1.56
C GLY A 247 11.20 15.72 1.50
N ALA A 248 10.58 15.88 2.68
CA ALA A 248 9.18 16.26 2.76
C ALA A 248 8.94 17.60 2.08
N ASN A 249 7.85 17.68 1.32
CA ASN A 249 7.50 18.87 0.58
C ASN A 249 6.16 19.46 1.00
N PHE A 250 6.16 20.18 2.12
CA PHE A 250 4.98 20.90 2.58
C PHE A 250 4.94 22.28 1.92
N ARG A 251 3.75 22.81 1.71
CA ARG A 251 3.67 24.16 1.16
C ARG A 251 3.69 25.12 2.34
N ALA A 252 4.74 25.02 3.15
CA ALA A 252 4.77 25.68 4.44
C ALA A 252 5.47 27.05 4.41
N GLY A 253 5.25 27.84 5.45
CA GLY A 253 5.87 29.16 5.55
C GLY A 253 6.86 29.24 6.70
N ARG A 254 6.71 28.35 7.68
CA ARG A 254 7.56 28.38 8.86
C ARG A 254 7.87 26.97 9.37
N VAL A 255 9.11 26.77 9.80
CA VAL A 255 9.47 25.61 10.60
C VAL A 255 9.74 26.05 12.04
N ILE A 256 9.19 25.29 12.99
CA ILE A 256 9.55 25.42 14.40
C ILE A 256 10.42 24.20 14.77
N ASP A 257 11.61 24.48 15.29
CA ASP A 257 12.60 23.45 15.56
C ASP A 257 13.32 23.59 16.90
N PRO A 258 12.88 22.83 17.92
CA PRO A 258 13.53 22.85 19.23
C PRO A 258 14.95 22.28 19.19
N ARG A 259 15.28 21.53 18.14
CA ARG A 259 16.62 20.96 17.95
C ARG A 259 17.06 20.06 19.09
N ARG A 260 16.11 19.37 19.71
CA ARG A 260 16.40 18.47 20.83
C ARG A 260 15.80 17.10 20.54
N CYS A 261 16.39 16.07 21.13
CA CYS A 261 15.92 14.69 20.97
C CYS A 261 16.64 13.74 21.94
N LEU A 262 15.99 12.62 22.24
CA LEU A 262 16.62 11.61 23.06
C LEU A 262 17.52 10.72 22.20
N LYS A 263 18.55 10.14 22.82
CA LYS A 263 19.59 9.43 22.09
C LYS A 263 19.98 8.17 22.86
N PRO A 264 19.93 7.00 22.18
CA PRO A 264 20.47 5.77 22.79
C PRO A 264 21.99 5.77 22.89
N VAL A 265 22.50 5.49 24.09
CA VAL A 265 23.92 5.52 24.38
C VAL A 265 24.34 4.22 25.07
N ILE A 266 25.38 3.59 24.54
CA ILE A 266 25.97 2.42 25.16
C ILE A 266 26.88 2.91 26.29
N LEU A 267 26.55 2.50 27.50
CA LEU A 267 27.35 2.79 28.68
C LEU A 267 28.32 1.65 28.92
N THR A 268 29.58 1.99 29.16
CA THR A 268 30.63 1.00 29.39
C THR A 268 31.24 1.16 30.77
N ASP A 269 30.73 2.14 31.52
CA ASP A 269 31.05 2.33 32.93
C ASP A 269 30.26 1.29 33.72
N GLY A 270 30.90 0.18 34.09
CA GLY A 270 30.21 -0.93 34.71
C GLY A 270 29.68 -1.88 33.64
N PRO A 271 28.73 -2.77 34.00
CA PRO A 271 28.18 -3.70 33.02
C PRO A 271 27.53 -2.95 31.86
N GLU A 272 27.86 -3.38 30.64
CA GLU A 272 27.41 -2.70 29.43
C GLU A 272 25.88 -2.69 29.27
N ARG A 273 25.33 -1.51 29.01
CA ARG A 273 23.88 -1.34 28.83
C ARG A 273 23.56 -0.09 28.02
N VAL A 274 22.32 -0.01 27.52
CA VAL A 274 21.88 1.13 26.73
C VAL A 274 20.86 1.98 27.47
N ILE A 275 21.17 3.26 27.59
CA ILE A 275 20.23 4.22 28.18
C ILE A 275 19.68 5.14 27.11
N LEU A 276 18.61 5.85 27.45
CA LEU A 276 18.14 6.92 26.57
C LEU A 276 18.57 8.25 27.18
N ALA A 277 19.67 8.78 26.64
CA ALA A 277 20.25 10.04 27.07
C ALA A 277 19.50 11.20 26.45
N GLY A 278 19.39 12.29 27.21
CA GLY A 278 18.81 13.51 26.67
C GLY A 278 17.78 14.15 27.57
N PRO A 279 16.98 15.09 27.02
CA PRO A 279 17.03 15.46 25.60
C PRO A 279 18.30 16.28 25.28
N ILE A 280 18.94 15.94 24.17
CA ILE A 280 20.20 16.58 23.77
C ILE A 280 20.02 17.26 22.41
N PRO A 281 20.88 18.25 22.12
CA PRO A 281 20.82 18.91 20.81
C PRO A 281 21.01 17.93 19.67
N VAL A 282 20.31 18.18 18.57
CA VAL A 282 20.47 17.42 17.34
C VAL A 282 21.78 17.81 16.66
N THR A 283 22.19 17.02 15.67
CA THR A 283 23.39 17.32 14.89
C THR A 283 23.11 18.50 13.93
N PRO A 284 24.17 19.18 13.44
CA PRO A 284 23.95 20.23 12.45
C PRO A 284 23.20 19.74 11.21
N ALA A 285 23.49 18.51 10.79
CA ALA A 285 22.83 17.89 9.64
C ALA A 285 21.31 17.82 9.80
N SER A 286 20.84 17.35 10.96
CA SER A 286 19.40 17.27 11.24
C SER A 286 18.75 18.64 11.20
N ALA A 287 19.39 19.62 11.85
CA ALA A 287 18.87 20.97 11.90
C ALA A 287 18.74 21.54 10.49
N ALA A 288 19.78 21.33 9.68
CA ALA A 288 19.78 21.76 8.29
C ALA A 288 18.68 21.08 7.46
N GLN A 289 18.39 19.81 7.74
CA GLN A 289 17.32 19.09 7.06
C GLN A 289 15.95 19.68 7.46
N ARG A 290 15.77 19.94 8.75
CA ARG A 290 14.51 20.50 9.27
C ARG A 290 14.22 21.91 8.77
N ARG A 291 15.25 22.75 8.75
CA ARG A 291 15.20 24.09 8.17
C ARG A 291 14.94 24.00 6.67
N GLY A 292 15.49 22.96 6.06
CA GLY A 292 15.38 22.69 4.63
C GLY A 292 13.97 22.37 4.15
N ARG A 293 13.03 22.20 5.07
CA ARG A 293 11.62 22.01 4.70
C ARG A 293 11.01 23.30 4.16
N ILE A 294 11.55 24.45 4.57
CA ILE A 294 11.04 25.74 4.06
C ILE A 294 12.08 26.53 3.26
N GLY A 295 11.65 27.65 2.69
CA GLY A 295 12.45 28.43 1.76
C GLY A 295 12.68 27.67 0.47
N ARG A 296 11.78 26.76 0.14
CA ARG A 296 11.91 25.91 -1.03
C ARG A 296 11.29 26.57 -2.25
N ASN A 297 10.34 27.47 -2.01
CA ASN A 297 9.60 28.14 -3.06
C ASN A 297 10.18 29.51 -3.42
N PRO A 298 10.77 29.64 -4.64
CA PRO A 298 11.38 30.89 -5.08
C PRO A 298 10.36 32.04 -5.15
N ALA A 299 9.10 31.70 -5.41
CA ALA A 299 8.01 32.67 -5.41
C ALA A 299 7.73 33.25 -4.02
N GLN A 300 7.97 32.46 -2.97
CA GLN A 300 7.65 32.88 -1.59
C GLN A 300 8.89 33.22 -0.77
N GLU A 301 9.04 34.51 -0.47
CA GLU A 301 10.33 35.07 -0.04
C GLU A 301 10.54 35.22 1.46
N ASP A 302 9.47 35.10 2.23
CA ASP A 302 9.51 35.45 3.65
C ASP A 302 9.29 34.28 4.63
N ASP A 303 9.73 33.09 4.24
CA ASP A 303 9.66 31.91 5.10
C ASP A 303 10.51 32.06 6.35
N GLN A 304 10.17 31.30 7.38
CA GLN A 304 10.86 31.43 8.66
C GLN A 304 11.32 30.09 9.23
N TYR A 305 12.47 30.13 9.88
CA TYR A 305 12.96 29.01 10.64
C TYR A 305 13.22 29.51 12.06
N VAL A 306 12.40 29.05 13.00
CA VAL A 306 12.51 29.41 14.41
C VAL A 306 13.07 28.24 15.21
N PHE A 307 14.21 28.49 15.85
CA PHE A 307 14.96 27.44 16.51
C PHE A 307 15.40 27.89 17.89
N SER A 308 15.79 26.91 18.70
CA SER A 308 16.28 27.12 20.05
C SER A 308 17.62 26.40 20.20
N GLY A 309 18.66 27.13 20.58
CA GLY A 309 19.97 26.55 20.92
C GLY A 309 20.83 26.10 19.76
N ASP A 310 22.08 25.74 20.07
CA ASP A 310 23.05 25.26 19.07
C ASP A 310 22.94 23.76 18.83
N PRO A 311 23.27 23.31 17.61
CA PRO A 311 23.43 21.88 17.39
C PRO A 311 24.68 21.34 18.09
N LEU A 312 24.80 20.02 18.15
CA LEU A 312 25.97 19.34 18.70
C LEU A 312 26.41 18.26 17.71
N LYS A 313 27.59 18.47 17.13
CA LYS A 313 28.13 17.61 16.07
C LYS A 313 28.55 16.25 16.60
N ASN A 314 29.17 16.27 17.78
CA ASN A 314 29.70 15.06 18.38
C ASN A 314 28.58 14.14 18.83
N ASP A 315 28.36 13.08 18.05
CA ASP A 315 27.40 12.06 18.43
C ASP A 315 28.12 10.72 18.53
N GLU A 316 29.38 10.76 18.97
CA GLU A 316 30.18 9.55 19.02
C GLU A 316 29.76 8.56 20.11
N ASP A 317 29.03 9.05 21.11
CA ASP A 317 28.46 8.19 22.15
C ASP A 317 27.10 7.59 21.75
N HIS A 318 26.60 7.99 20.59
CA HIS A 318 25.35 7.44 20.08
C HIS A 318 25.57 5.99 19.70
N ALA A 319 24.62 5.14 20.08
CA ALA A 319 24.71 3.70 19.88
C ALA A 319 24.73 3.24 18.40
N HIS A 320 24.30 4.12 17.49
CA HIS A 320 24.17 3.72 16.10
C HIS A 320 25.47 3.39 15.41
N TRP A 321 26.58 3.99 15.82
CA TRP A 321 27.87 3.69 15.21
C TRP A 321 28.31 2.27 15.52
N THR A 322 28.10 1.83 16.77
CA THR A 322 28.38 0.45 17.15
C THR A 322 27.39 -0.51 16.51
N GLU A 323 26.10 -0.15 16.52
CA GLU A 323 25.07 -1.06 16.02
C GLU A 323 25.23 -1.32 14.53
N ALA A 324 25.63 -0.29 13.78
CA ALA A 324 25.94 -0.41 12.36
C ALA A 324 27.03 -1.44 12.14
N LYS A 325 28.07 -1.38 12.97
CA LYS A 325 29.17 -2.33 12.91
C LYS A 325 28.66 -3.72 13.25
N MET A 326 27.71 -3.77 14.18
CA MET A 326 27.10 -5.05 14.57
C MET A 326 26.41 -5.68 13.38
N LEU A 327 25.67 -4.87 12.63
CA LEU A 327 24.97 -5.35 11.44
C LEU A 327 25.95 -5.72 10.33
N LEU A 328 26.84 -4.78 10.00
CA LEU A 328 27.81 -4.94 8.92
C LEU A 328 28.71 -6.16 9.09
N ASP A 329 29.14 -6.43 10.33
CA ASP A 329 29.98 -7.59 10.61
C ASP A 329 29.32 -8.93 10.29
N ASN A 330 28.06 -8.91 9.87
CA ASN A 330 27.33 -10.12 9.61
C ASN A 330 26.66 -10.09 8.24
N ILE A 331 27.16 -9.16 7.43
CA ILE A 331 26.72 -9.00 6.06
C ILE A 331 27.87 -9.46 5.18
N TYR A 332 27.54 -10.23 4.14
CA TYR A 332 28.57 -10.73 3.24
C TYR A 332 28.22 -10.38 1.81
N THR A 333 29.25 -10.19 1.02
CA THR A 333 29.11 -9.95 -0.39
C THR A 333 28.99 -11.34 -1.06
N PRO A 334 28.44 -11.40 -2.31
CA PRO A 334 28.28 -12.68 -3.01
C PRO A 334 29.59 -13.44 -3.12
N GLU A 335 30.70 -12.70 -3.08
CA GLU A 335 32.05 -13.25 -3.19
C GLU A 335 32.59 -13.76 -1.85
N GLY A 336 31.98 -13.35 -0.75
CA GLY A 336 32.41 -13.83 0.56
C GLY A 336 33.08 -12.81 1.44
N ILE A 337 33.34 -11.63 0.88
CA ILE A 337 33.91 -10.52 1.64
C ILE A 337 32.89 -9.93 2.62
N ILE A 338 33.33 -9.70 3.85
CA ILE A 338 32.60 -8.86 4.80
C ILE A 338 32.96 -7.39 4.49
N PRO A 339 31.95 -6.57 4.18
CA PRO A 339 32.08 -5.14 3.89
C PRO A 339 32.74 -4.30 4.98
N THR A 340 33.33 -3.20 4.56
CA THR A 340 33.93 -2.21 5.44
C THR A 340 33.04 -0.96 5.45
N LEU A 341 32.98 -0.24 6.57
CA LEU A 341 32.18 1.00 6.61
C LEU A 341 32.60 2.01 5.57
N PHE A 342 31.61 2.68 4.98
CA PHE A 342 31.85 3.84 4.13
C PHE A 342 32.84 4.78 4.79
N GLY A 343 33.89 5.12 4.04
CA GLY A 343 35.01 5.96 4.50
C GLY A 343 34.78 6.97 5.62
N PRO A 344 34.08 8.08 5.32
CA PRO A 344 33.88 9.18 6.29
C PRO A 344 33.24 8.78 7.61
N GLU A 345 32.75 7.54 7.69
CA GLU A 345 32.06 7.05 8.87
C GLU A 345 32.83 5.98 9.64
N ARG A 346 34.09 5.77 9.28
CA ARG A 346 34.98 4.84 9.98
C ARG A 346 35.54 5.47 11.24
N GLU A 347 35.91 4.64 12.21
CA GLU A 347 36.45 5.11 13.49
C GLU A 347 35.57 6.14 14.21
N LYS A 348 34.25 5.92 14.14
CA LYS A 348 33.30 6.68 14.94
C LYS A 348 33.22 6.04 16.33
N THR A 349 33.54 4.75 16.38
CA THR A 349 33.81 4.02 17.62
C THR A 349 34.97 3.05 17.40
N GLN A 350 35.71 2.71 18.46
CA GLN A 350 36.87 1.84 18.36
C GLN A 350 36.46 0.38 18.49
N ALA A 351 36.04 -0.22 17.39
CA ALA A 351 35.74 -1.64 17.40
C ALA A 351 36.76 -2.38 16.56
N ILE A 352 37.20 -3.53 17.05
CA ILE A 352 38.14 -4.37 16.32
C ILE A 352 37.50 -4.81 14.99
N ASP A 353 38.34 -5.01 13.98
CA ASP A 353 37.88 -5.60 12.73
C ASP A 353 37.29 -6.98 12.98
N GLY A 354 36.00 -7.14 12.70
CA GLY A 354 35.36 -8.45 12.82
C GLY A 354 34.99 -8.84 14.23
N GLU A 355 34.90 -7.84 15.12
CA GLU A 355 34.61 -8.12 16.51
C GLU A 355 33.15 -8.57 16.75
N PHE A 356 32.23 -8.24 15.84
CA PHE A 356 30.82 -8.60 16.01
C PHE A 356 30.34 -9.74 15.12
N ARG A 357 31.27 -10.45 14.49
CA ARG A 357 30.90 -11.58 13.63
C ARG A 357 30.28 -12.72 14.43
N LEU A 358 29.19 -13.26 13.90
CA LEU A 358 28.46 -14.34 14.57
C LEU A 358 28.38 -15.55 13.65
N ARG A 359 28.57 -16.73 14.22
CA ARG A 359 28.70 -17.96 13.42
C ARG A 359 27.39 -18.73 13.33
N GLY A 360 27.11 -19.24 12.13
CA GLY A 360 25.96 -20.10 11.89
C GLY A 360 24.66 -19.65 12.54
N GLU A 361 24.22 -20.44 13.51
CA GLU A 361 22.91 -20.28 14.18
C GLU A 361 22.71 -18.99 14.95
N GLN A 362 23.80 -18.45 15.49
CA GLN A 362 23.73 -17.19 16.23
C GLN A 362 23.35 -16.04 15.32
N ARG A 363 23.86 -16.05 14.08
CA ARG A 363 23.52 -15.04 13.10
C ARG A 363 22.03 -15.10 12.78
N LYS A 364 21.52 -16.31 12.56
CA LYS A 364 20.09 -16.54 12.32
C LYS A 364 19.27 -15.89 13.43
N THR A 365 19.62 -16.21 14.67
CA THR A 365 18.92 -15.74 15.85
C THR A 365 18.99 -14.22 15.98
N PHE A 366 20.18 -13.67 15.79
CA PHE A 366 20.40 -12.22 15.73
C PHE A 366 19.37 -11.54 14.84
N VAL A 367 19.27 -12.01 13.59
CA VAL A 367 18.39 -11.41 12.60
C VAL A 367 16.95 -11.58 13.04
N GLU A 368 16.63 -12.77 13.54
CA GLU A 368 15.30 -13.07 13.98
C GLU A 368 14.89 -12.24 15.21
N LEU A 369 15.86 -11.90 16.05
CA LEU A 369 15.54 -11.11 17.24
C LEU A 369 15.16 -9.69 16.86
N MET A 370 15.74 -9.21 15.77
CA MET A 370 15.44 -7.88 15.30
C MET A 370 14.12 -7.88 14.53
N ARG A 371 13.96 -8.82 13.60
CA ARG A 371 12.80 -8.79 12.69
C ARG A 371 11.53 -9.38 13.31
N ARG A 372 11.66 -10.52 14.00
CA ARG A 372 10.54 -11.17 14.68
C ARG A 372 10.34 -10.64 16.09
N GLY A 373 11.44 -10.29 16.75
CA GLY A 373 11.42 -9.84 18.13
C GLY A 373 11.20 -8.36 18.33
N ASP A 374 11.43 -7.58 17.26
CA ASP A 374 11.39 -6.11 17.30
C ASP A 374 12.33 -5.54 18.35
N LEU A 375 13.49 -6.17 18.51
CA LEU A 375 14.48 -5.74 19.50
C LEU A 375 15.59 -4.93 18.87
N PRO A 376 16.08 -3.91 19.59
CA PRO A 376 17.19 -3.09 19.09
C PRO A 376 18.38 -3.97 18.68
N VAL A 377 19.22 -3.43 17.81
CA VAL A 377 20.41 -4.13 17.35
C VAL A 377 21.29 -4.59 18.52
N TRP A 378 21.54 -3.68 19.47
CA TRP A 378 22.45 -3.99 20.59
C TRP A 378 21.98 -5.20 21.40
N LEU A 379 20.71 -5.16 21.80
CA LEU A 379 20.12 -6.22 22.63
C LEU A 379 20.10 -7.54 21.86
N SER A 380 19.64 -7.46 20.62
CA SER A 380 19.63 -8.60 19.72
C SER A 380 21.01 -9.22 19.64
N TYR A 381 22.03 -8.40 19.50
CA TYR A 381 23.40 -8.91 19.45
C TYR A 381 23.82 -9.57 20.78
N LYS A 382 23.53 -8.90 21.89
CA LYS A 382 23.91 -9.42 23.20
C LYS A 382 23.32 -10.81 23.44
N VAL A 383 22.03 -10.95 23.18
CA VAL A 383 21.34 -12.22 23.32
C VAL A 383 21.90 -13.27 22.35
N ALA A 384 21.90 -12.97 21.06
CA ALA A 384 22.35 -13.93 20.04
C ALA A 384 23.76 -14.48 20.35
N SER A 385 24.69 -13.57 20.66
CA SER A 385 26.09 -13.91 20.91
C SER A 385 26.31 -14.67 22.22
N ALA A 386 25.27 -14.78 23.03
CA ALA A 386 25.34 -15.59 24.24
C ALA A 386 25.06 -17.05 23.90
N GLY A 387 24.55 -17.28 22.69
CA GLY A 387 24.22 -18.63 22.22
C GLY A 387 22.79 -19.03 22.55
N ILE A 388 21.96 -18.05 22.84
CA ILE A 388 20.55 -18.27 23.14
C ILE A 388 19.78 -18.32 21.82
N SER A 389 18.86 -19.26 21.71
CA SER A 389 17.96 -19.29 20.54
C SER A 389 16.76 -18.35 20.73
N TYR A 390 16.20 -17.92 19.60
CA TYR A 390 15.13 -16.92 19.57
C TYR A 390 14.00 -17.13 20.57
N LYS A 391 13.58 -18.37 20.75
CA LYS A 391 12.41 -18.71 21.58
C LYS A 391 12.72 -18.95 23.05
N ASP A 392 14.00 -18.94 23.40
CA ASP A 392 14.41 -19.19 24.78
C ASP A 392 14.47 -17.87 25.53
N ARG A 393 13.40 -17.58 26.28
CA ARG A 393 13.22 -16.29 26.93
C ARG A 393 13.77 -16.20 28.35
N GLU A 394 14.48 -17.23 28.81
CA GLU A 394 15.04 -17.30 30.17
C GLU A 394 15.87 -16.06 30.56
N TRP A 395 16.56 -15.48 29.56
CA TRP A 395 17.43 -14.34 29.78
C TRP A 395 16.65 -13.11 30.25
N CYS A 396 15.34 -13.11 29.97
CA CYS A 396 14.45 -12.02 30.40
C CYS A 396 14.22 -11.96 31.90
N PHE A 397 14.63 -13.02 32.60
CA PHE A 397 14.38 -13.20 34.04
C PHE A 397 15.62 -13.46 34.91
N THR A 398 16.77 -13.74 34.30
CA THR A 398 17.95 -14.14 35.07
C THR A 398 19.03 -13.06 35.24
N GLY A 399 18.68 -11.81 34.97
CA GLY A 399 19.60 -10.70 35.21
C GLY A 399 19.85 -10.44 36.69
N GLU A 400 20.94 -9.73 36.99
CA GLU A 400 21.25 -9.34 38.36
C GLU A 400 20.13 -8.52 38.98
N ARG A 401 20.12 -8.42 40.30
CA ARG A 401 19.06 -7.74 41.06
C ARG A 401 18.67 -6.35 40.51
N ASN A 402 19.66 -5.56 40.13
CA ASN A 402 19.42 -4.20 39.66
C ASN A 402 18.75 -4.06 38.27
N ASN A 403 18.71 -5.16 37.51
CA ASN A 403 18.03 -5.17 36.20
C ASN A 403 16.52 -5.39 36.31
N GLN A 404 16.00 -5.40 37.53
CA GLN A 404 14.56 -5.47 37.75
C GLN A 404 13.90 -4.28 37.08
N ILE A 405 12.95 -4.57 36.19
CA ILE A 405 12.17 -3.52 35.55
C ILE A 405 11.02 -3.08 36.44
N LEU A 406 10.90 -1.77 36.63
CA LEU A 406 9.83 -1.19 37.40
C LEU A 406 8.93 -0.38 36.48
N GLU A 407 7.62 -0.52 36.67
CA GLU A 407 6.65 0.29 35.94
C GLU A 407 5.67 0.84 36.95
N GLU A 408 5.48 2.16 36.94
CA GLU A 408 4.66 2.84 37.93
C GLU A 408 5.17 2.56 39.36
N ASN A 409 6.50 2.46 39.49
CA ASN A 409 7.19 2.17 40.76
C ASN A 409 6.97 0.77 41.33
N MET A 410 6.48 -0.14 40.48
CA MET A 410 6.19 -1.49 40.89
C MET A 410 6.97 -2.47 40.06
N GLU A 411 7.40 -3.55 40.68
CA GLU A 411 8.10 -4.61 40.00
C GLU A 411 7.20 -5.26 38.93
N VAL A 412 7.71 -5.31 37.70
CA VAL A 412 6.97 -5.87 36.58
C VAL A 412 6.95 -7.39 36.67
N GLU A 413 5.75 -7.96 36.72
CA GLU A 413 5.56 -9.40 36.71
C GLU A 413 5.18 -9.86 35.30
N ILE A 414 5.75 -10.99 34.88
CA ILE A 414 5.40 -11.63 33.60
C ILE A 414 4.73 -12.97 33.88
N TRP A 415 3.59 -13.19 33.24
CA TRP A 415 2.94 -14.48 33.23
C TRP A 415 3.34 -15.24 31.97
N THR A 416 4.09 -16.32 32.10
CA THR A 416 4.62 -17.02 30.93
C THR A 416 3.60 -17.93 30.26
N ARG A 417 3.92 -18.33 29.03
CA ARG A 417 3.06 -19.21 28.23
C ARG A 417 2.72 -20.53 28.93
N GLU A 418 3.49 -20.91 29.95
CA GLU A 418 3.27 -22.15 30.71
C GLU A 418 2.69 -21.90 32.09
N GLY A 419 2.06 -20.74 32.26
CA GLY A 419 1.38 -20.37 33.49
C GLY A 419 2.26 -19.96 34.66
N GLU A 420 3.55 -19.77 34.43
CA GLU A 420 4.47 -19.40 35.50
C GLU A 420 4.54 -17.89 35.65
N LYS A 421 4.72 -17.43 36.88
CA LYS A 421 4.80 -16.01 37.18
C LYS A 421 6.24 -15.66 37.54
N LYS A 422 6.84 -14.76 36.77
CA LYS A 422 8.25 -14.37 36.95
C LYS A 422 8.42 -12.85 36.85
N LYS A 423 9.41 -12.34 37.56
CA LYS A 423 9.76 -10.93 37.55
C LYS A 423 10.62 -10.59 36.32
N LEU A 424 10.24 -9.52 35.61
CA LEU A 424 11.00 -9.05 34.47
C LEU A 424 12.30 -8.42 34.95
N ARG A 425 13.40 -9.15 34.70
CA ARG A 425 14.71 -8.81 35.19
C ARG A 425 15.69 -9.31 34.13
N PRO A 426 15.75 -8.61 32.97
CA PRO A 426 16.57 -9.13 31.87
C PRO A 426 18.08 -9.03 32.13
N LYS A 427 18.83 -9.99 31.59
CA LYS A 427 20.28 -10.06 31.75
C LYS A 427 20.99 -8.84 31.15
N TRP A 428 20.38 -8.23 30.12
CA TRP A 428 20.90 -7.02 29.51
C TRP A 428 19.81 -5.94 29.49
N LEU A 429 20.19 -4.72 29.84
CA LEU A 429 19.25 -3.62 29.85
C LEU A 429 19.39 -2.76 28.59
N ASP A 430 18.26 -2.51 27.96
CA ASP A 430 18.20 -1.58 26.83
C ASP A 430 16.95 -0.70 26.98
N ALA A 431 17.15 0.55 27.41
CA ALA A 431 16.02 1.43 27.72
C ALA A 431 15.00 1.57 26.58
N ARG A 432 15.35 1.10 25.39
CA ARG A 432 14.44 1.20 24.26
C ARG A 432 13.29 0.20 24.35
N VAL A 433 13.51 -0.92 25.03
CA VAL A 433 12.41 -1.86 25.21
C VAL A 433 11.60 -1.63 26.48
N TYR A 434 11.97 -0.66 27.31
CA TYR A 434 11.22 -0.44 28.56
C TYR A 434 10.90 1.00 28.98
N ALA A 435 11.50 1.99 28.32
CA ALA A 435 11.29 3.41 28.67
C ALA A 435 9.86 3.90 28.38
N ASP A 436 9.42 3.76 27.13
CA ASP A 436 8.05 4.11 26.74
C ASP A 436 7.09 2.99 27.16
N PRO A 437 5.96 3.35 27.79
CA PRO A 437 4.98 2.34 28.25
C PRO A 437 4.57 1.34 27.15
N MET A 438 4.33 1.83 25.93
CA MET A 438 3.94 0.97 24.81
C MET A 438 5.05 -0.02 24.50
N ALA A 439 6.29 0.48 24.42
CA ALA A 439 7.47 -0.37 24.19
C ALA A 439 7.63 -1.45 25.28
N LEU A 440 7.38 -1.09 26.53
CA LEU A 440 7.40 -2.06 27.61
C LEU A 440 6.35 -3.15 27.44
N LYS A 441 5.14 -2.80 26.98
CA LYS A 441 4.07 -3.78 26.73
C LYS A 441 4.50 -4.79 25.67
N ASP A 442 5.15 -4.30 24.62
CA ASP A 442 5.68 -5.14 23.55
C ASP A 442 6.68 -6.11 24.11
N PHE A 443 7.57 -5.57 24.93
CA PHE A 443 8.62 -6.36 25.56
C PHE A 443 8.07 -7.36 26.58
N LYS A 444 6.99 -6.96 27.25
CA LYS A 444 6.27 -7.86 28.14
C LYS A 444 5.72 -9.04 27.34
N GLU A 445 5.13 -8.77 26.18
CA GLU A 445 4.70 -9.84 25.28
C GLU A 445 5.86 -10.72 24.82
N PHE A 446 7.03 -10.12 24.62
CA PHE A 446 8.21 -10.89 24.21
C PHE A 446 8.63 -11.85 25.31
N ALA A 447 8.74 -11.31 26.52
CA ALA A 447 9.11 -12.10 27.70
C ALA A 447 8.11 -13.21 27.96
N SER A 448 6.85 -12.95 27.65
CA SER A 448 5.73 -13.89 27.83
C SER A 448 5.86 -15.17 27.03
N GLY A 449 6.57 -15.09 25.90
CA GLY A 449 6.62 -16.16 24.92
C GLY A 449 5.64 -15.92 23.78
N ARG A 450 5.06 -14.72 23.73
CA ARG A 450 3.98 -14.41 22.78
C ARG A 450 4.42 -13.63 21.52
N LYS A 451 5.74 -13.42 21.38
CA LYS A 451 6.33 -12.92 20.13
C LYS A 451 7.34 -13.95 19.61
N GLY B 1 -29.59 0.45 20.25
CA GLY B 1 -29.80 1.49 19.21
C GLY B 1 -28.55 2.30 18.91
N SER B 2 -28.65 3.20 17.93
CA SER B 2 -27.56 4.10 17.57
C SER B 2 -28.06 5.39 16.93
N ALA B 3 -27.22 6.42 16.92
CA ALA B 3 -27.48 7.61 16.14
C ALA B 3 -27.10 7.34 14.69
N MET B 4 -27.45 8.26 13.79
CA MET B 4 -27.09 8.13 12.36
C MET B 4 -25.60 7.90 12.14
N GLY B 5 -24.76 8.67 12.83
CA GLY B 5 -23.32 8.61 12.64
C GLY B 5 -22.73 7.28 13.04
N GLU B 6 -22.77 7.00 14.34
CA GLU B 6 -22.11 5.85 14.94
C GLU B 6 -22.76 4.48 14.64
N PRO B 7 -22.00 3.39 14.82
CA PRO B 7 -22.49 2.02 14.71
C PRO B 7 -23.33 1.61 15.90
N ASP B 8 -24.22 0.63 15.72
CA ASP B 8 -25.10 0.16 16.79
C ASP B 8 -24.31 -0.57 17.86
N TYR B 9 -24.67 -0.33 19.10
CA TYR B 9 -24.05 -1.01 20.24
C TYR B 9 -24.63 -2.40 20.42
N GLU B 10 -25.86 -2.60 19.95
CA GLU B 10 -26.55 -3.88 20.04
C GLU B 10 -26.41 -4.61 18.71
N VAL B 11 -25.98 -5.87 18.78
CA VAL B 11 -25.86 -6.71 17.58
C VAL B 11 -26.56 -8.05 17.86
N ASP B 12 -27.38 -8.49 16.92
CA ASP B 12 -28.05 -9.79 17.00
C ASP B 12 -27.07 -10.93 17.17
N GLU B 13 -27.24 -11.72 18.22
CA GLU B 13 -26.39 -12.89 18.47
C GLU B 13 -26.65 -13.98 17.41
N ASP B 14 -27.90 -14.02 16.98
CA ASP B 14 -28.41 -14.77 15.84
C ASP B 14 -27.40 -14.95 14.69
N ILE B 15 -26.75 -13.86 14.28
CA ILE B 15 -25.93 -13.84 13.06
C ILE B 15 -24.55 -14.49 13.21
N PHE B 16 -24.18 -14.83 14.44
CA PHE B 16 -22.85 -15.36 14.71
C PHE B 16 -22.82 -16.88 14.83
N ARG B 17 -24.00 -17.50 14.82
CA ARG B 17 -24.12 -18.94 14.95
C ARG B 17 -23.65 -19.66 13.69
N LYS B 18 -22.73 -20.62 13.87
CA LYS B 18 -22.32 -21.50 12.78
C LYS B 18 -23.54 -22.16 12.18
N LYS B 19 -23.50 -22.38 10.86
CA LYS B 19 -24.62 -22.96 10.14
C LYS B 19 -25.64 -21.89 9.71
N ARG B 20 -25.37 -20.62 10.04
CA ARG B 20 -26.29 -19.54 9.72
C ARG B 20 -25.78 -18.53 8.68
N LEU B 21 -26.54 -18.37 7.62
CA LEU B 21 -26.24 -17.41 6.56
C LEU B 21 -27.24 -16.25 6.64
N THR B 22 -26.78 -15.09 7.04
CA THR B 22 -27.65 -13.93 7.05
C THR B 22 -27.50 -13.19 5.73
N ILE B 23 -28.63 -12.93 5.08
CA ILE B 23 -28.65 -12.04 3.93
C ILE B 23 -29.17 -10.68 4.36
N MET B 24 -28.35 -9.65 4.21
CA MET B 24 -28.75 -8.30 4.56
C MET B 24 -29.06 -7.45 3.33
N ASP B 25 -30.34 -7.44 3.01
CA ASP B 25 -30.91 -6.73 1.88
C ASP B 25 -31.37 -5.37 2.40
N LEU B 26 -30.55 -4.34 2.22
CA LEU B 26 -30.91 -3.00 2.68
C LEU B 26 -30.62 -1.98 1.60
N HIS B 27 -31.52 -1.01 1.44
CA HIS B 27 -31.43 -0.04 0.34
C HIS B 27 -30.10 0.75 0.33
N PRO B 28 -29.63 1.18 -0.86
CA PRO B 28 -28.39 1.97 -0.89
C PRO B 28 -28.44 3.17 0.06
N GLY B 29 -27.37 3.36 0.82
CA GLY B 29 -27.25 4.49 1.73
C GLY B 29 -27.76 4.24 3.13
N ALA B 30 -28.23 3.01 3.39
CA ALA B 30 -28.74 2.62 4.72
C ALA B 30 -27.66 2.41 5.80
N GLY B 31 -26.43 2.85 5.52
CA GLY B 31 -25.30 2.73 6.47
C GLY B 31 -24.77 1.32 6.64
N LYS B 32 -25.05 0.48 5.66
CA LYS B 32 -24.64 -0.92 5.65
C LYS B 32 -23.14 -1.08 5.91
N THR B 33 -22.30 -0.35 5.17
CA THR B 33 -20.86 -0.45 5.40
C THR B 33 -20.37 0.47 6.51
N LYS B 34 -20.92 1.67 6.57
CA LYS B 34 -20.49 2.70 7.52
C LYS B 34 -20.92 2.43 8.97
N ARG B 35 -22.09 1.83 9.15
CA ARG B 35 -22.62 1.56 10.49
C ARG B 35 -22.63 0.08 10.84
N ILE B 36 -23.21 -0.74 9.97
CA ILE B 36 -23.50 -2.12 10.31
C ILE B 36 -22.23 -2.94 10.43
N LEU B 37 -21.32 -2.73 9.48
CA LEU B 37 -20.05 -3.46 9.41
C LEU B 37 -19.18 -3.32 10.66
N PRO B 38 -18.92 -2.07 11.13
CA PRO B 38 -18.19 -1.88 12.40
C PRO B 38 -18.84 -2.60 13.60
N SER B 39 -20.16 -2.70 13.61
CA SER B 39 -20.92 -3.38 14.66
C SER B 39 -20.59 -4.87 14.73
N ILE B 40 -20.66 -5.53 13.56
CA ILE B 40 -20.31 -6.94 13.40
C ILE B 40 -18.89 -7.18 13.87
N VAL B 41 -17.97 -6.37 13.35
CA VAL B 41 -16.54 -6.53 13.61
C VAL B 41 -16.21 -6.37 15.10
N ARG B 42 -16.77 -5.34 15.73
CA ARG B 42 -16.62 -5.16 17.17
C ARG B 42 -17.09 -6.39 17.94
N GLU B 43 -18.25 -6.93 17.54
CA GLU B 43 -18.82 -8.09 18.19
C GLU B 43 -18.11 -9.39 17.79
N ALA B 44 -17.51 -9.39 16.59
CA ALA B 44 -16.64 -10.49 16.17
C ALA B 44 -15.44 -10.61 17.11
N LEU B 45 -14.83 -9.46 17.40
CA LEU B 45 -13.63 -9.40 18.24
C LEU B 45 -13.86 -9.90 19.67
N LYS B 46 -14.90 -9.40 20.33
CA LYS B 46 -15.25 -9.81 21.69
C LYS B 46 -15.61 -11.29 21.75
N ARG B 47 -16.24 -11.80 20.69
CA ARG B 47 -16.53 -13.23 20.57
C ARG B 47 -15.27 -14.02 20.20
N ARG B 48 -14.23 -13.32 19.77
CA ARG B 48 -12.91 -13.90 19.41
C ARG B 48 -12.99 -14.86 18.21
N LEU B 49 -13.68 -14.39 17.16
CA LEU B 49 -13.92 -15.19 15.97
C LEU B 49 -12.91 -14.85 14.89
N ARG B 50 -12.41 -15.90 14.24
CA ARG B 50 -11.53 -15.73 13.10
C ARG B 50 -12.39 -15.21 11.96
N THR B 51 -12.10 -13.99 11.55
CA THR B 51 -13.05 -13.23 10.74
C THR B 51 -12.46 -12.80 9.40
N LEU B 52 -13.27 -12.94 8.34
CA LEU B 52 -12.89 -12.54 7.00
C LEU B 52 -13.88 -11.51 6.48
N ILE B 53 -13.37 -10.33 6.09
CA ILE B 53 -14.22 -9.31 5.46
C ILE B 53 -13.88 -9.19 3.97
N LEU B 54 -14.89 -9.28 3.13
CA LEU B 54 -14.66 -9.27 1.68
C LEU B 54 -15.30 -8.09 0.96
N ALA B 55 -14.48 -7.35 0.21
CA ALA B 55 -14.93 -6.20 -0.57
C ALA B 55 -14.68 -6.44 -2.07
N PRO B 56 -15.64 -6.07 -2.93
CA PRO B 56 -15.51 -6.41 -4.36
C PRO B 56 -14.40 -5.62 -5.06
N THR B 57 -14.22 -4.36 -4.67
CA THR B 57 -13.25 -3.49 -5.31
C THR B 57 -12.49 -2.74 -4.24
N ARG B 58 -11.39 -2.12 -4.66
CA ARG B 58 -10.57 -1.32 -3.77
C ARG B 58 -11.33 -0.08 -3.29
N VAL B 59 -12.26 0.40 -4.11
CA VAL B 59 -13.15 1.50 -3.73
C VAL B 59 -13.95 1.11 -2.47
N VAL B 60 -14.59 -0.05 -2.50
CA VAL B 60 -15.31 -0.54 -1.32
C VAL B 60 -14.33 -0.77 -0.17
N ALA B 61 -13.21 -1.43 -0.46
CA ALA B 61 -12.18 -1.67 0.55
C ALA B 61 -11.77 -0.39 1.29
N ALA B 62 -11.62 0.71 0.54
CA ALA B 62 -11.23 2.01 1.11
C ALA B 62 -12.34 2.66 1.93
N GLU B 63 -13.59 2.52 1.49
CA GLU B 63 -14.74 3.04 2.23
C GLU B 63 -14.91 2.27 3.54
N MET B 64 -14.54 0.99 3.53
CA MET B 64 -14.50 0.16 4.71
C MET B 64 -13.47 0.66 5.73
N GLU B 65 -12.27 0.99 5.25
CA GLU B 65 -11.18 1.45 6.13
C GLU B 65 -11.55 2.69 6.94
N GLU B 66 -12.26 3.62 6.30
CA GLU B 66 -12.71 4.82 6.98
C GLU B 66 -13.66 4.48 8.14
N ALA B 67 -14.55 3.53 7.90
CA ALA B 67 -15.51 3.10 8.91
C ALA B 67 -14.92 2.18 9.99
N LEU B 68 -13.78 1.58 9.71
CA LEU B 68 -13.20 0.57 10.59
C LEU B 68 -11.90 1.04 11.27
N ARG B 69 -11.53 2.29 11.00
CA ARG B 69 -10.26 2.85 11.46
C ARG B 69 -10.10 2.71 12.98
N GLY B 70 -8.93 2.21 13.39
CA GLY B 70 -8.63 2.04 14.81
C GLY B 70 -8.90 0.64 15.35
N LEU B 71 -9.53 -0.20 14.54
CA LEU B 71 -9.77 -1.60 14.89
C LEU B 71 -8.60 -2.47 14.44
N PRO B 72 -8.25 -3.52 15.23
CA PRO B 72 -7.15 -4.41 14.87
C PRO B 72 -7.48 -5.29 13.66
N ILE B 73 -7.42 -4.70 12.47
CA ILE B 73 -7.76 -5.41 11.24
C ILE B 73 -6.53 -5.51 10.32
N ARG B 74 -6.32 -6.70 9.76
CA ARG B 74 -5.29 -6.94 8.77
C ARG B 74 -5.82 -6.68 7.36
N TYR B 75 -5.32 -5.64 6.72
CA TYR B 75 -5.73 -5.34 5.36
C TYR B 75 -4.79 -5.99 4.36
N GLN B 76 -5.37 -6.81 3.49
CA GLN B 76 -4.61 -7.49 2.46
C GLN B 76 -5.09 -7.01 1.12
N THR B 77 -4.89 -5.71 0.90
CA THR B 77 -5.24 -5.01 -0.33
C THR B 77 -4.35 -3.77 -0.51
N PRO B 78 -3.76 -3.60 -1.70
CA PRO B 78 -3.07 -2.36 -2.11
C PRO B 78 -3.83 -1.06 -1.82
N ALA B 79 -5.16 -1.15 -1.74
CA ALA B 79 -6.01 0.03 -1.44
C ALA B 79 -5.74 0.61 -0.05
N VAL B 80 -5.53 -0.26 0.93
CA VAL B 80 -5.27 0.16 2.31
C VAL B 80 -3.93 -0.34 2.79
N LYS B 81 -3.06 0.59 3.17
CA LYS B 81 -1.80 0.29 3.84
C LYS B 81 -1.95 0.66 5.30
N SER B 82 -1.73 -0.30 6.19
CA SER B 82 -1.89 -0.10 7.63
C SER B 82 -0.86 -0.88 8.43
N ASP B 83 -0.46 -0.31 9.57
CA ASP B 83 0.40 -1.01 10.54
C ASP B 83 -0.35 -2.24 11.04
N HIS B 84 0.33 -3.39 11.02
CA HIS B 84 -0.27 -4.64 11.48
C HIS B 84 0.74 -5.50 12.26
N THR B 85 0.31 -5.93 13.45
CA THR B 85 1.03 -6.93 14.22
C THR B 85 0.36 -8.25 13.91
N GLY B 86 1.05 -9.09 13.13
CA GLY B 86 0.48 -10.29 12.51
C GLY B 86 -0.44 -11.21 13.32
N ARG B 87 -0.75 -10.80 14.55
CA ARG B 87 -1.64 -11.58 15.43
C ARG B 87 -3.10 -11.11 15.40
N GLU B 88 -3.46 -10.33 14.38
CA GLU B 88 -4.85 -9.97 14.13
C GLU B 88 -5.69 -11.23 13.91
N ILE B 89 -6.99 -11.14 14.20
CA ILE B 89 -7.92 -12.24 13.97
C ILE B 89 -9.00 -11.86 12.96
N VAL B 90 -8.88 -10.64 12.44
CA VAL B 90 -9.78 -10.10 11.43
C VAL B 90 -8.97 -9.74 10.19
N ASP B 91 -9.31 -10.37 9.06
CA ASP B 91 -8.68 -10.06 7.78
C ASP B 91 -9.66 -9.34 6.87
N LEU B 92 -9.13 -8.50 6.00
CA LEU B 92 -9.94 -7.81 5.00
C LEU B 92 -9.22 -7.88 3.66
N MET B 93 -9.92 -8.38 2.65
CA MET B 93 -9.39 -8.48 1.28
C MET B 93 -10.51 -8.40 0.23
N CYS B 94 -10.12 -8.40 -1.04
CA CYS B 94 -11.11 -8.35 -2.11
C CYS B 94 -11.57 -9.75 -2.49
N HIS B 95 -12.80 -9.83 -3.00
CA HIS B 95 -13.44 -11.08 -3.41
C HIS B 95 -12.56 -11.98 -4.26
N ALA B 96 -11.91 -11.39 -5.27
CA ALA B 96 -11.06 -12.17 -6.16
C ALA B 96 -9.73 -12.58 -5.50
N THR B 97 -9.30 -11.83 -4.50
CA THR B 97 -8.06 -12.15 -3.79
C THR B 97 -8.27 -13.47 -3.05
N PHE B 98 -9.40 -13.52 -2.34
CA PHE B 98 -9.77 -14.69 -1.53
C PHE B 98 -9.92 -15.96 -2.38
N THR B 99 -10.57 -15.80 -3.54
CA THR B 99 -10.74 -16.93 -4.47
C THR B 99 -9.40 -17.47 -4.97
N THR B 100 -8.53 -16.58 -5.44
CA THR B 100 -7.19 -16.94 -5.93
C THR B 100 -6.40 -17.67 -4.84
N ARG B 101 -6.51 -17.18 -3.61
CA ARG B 101 -5.81 -17.80 -2.48
C ARG B 101 -6.35 -19.20 -2.25
N LEU B 102 -7.66 -19.37 -2.38
CA LEU B 102 -8.30 -20.68 -2.25
C LEU B 102 -7.75 -21.66 -3.29
N LEU B 103 -7.45 -21.14 -4.48
CA LEU B 103 -6.90 -21.94 -5.58
C LEU B 103 -5.41 -22.21 -5.44
N SER B 104 -4.72 -21.42 -4.62
CA SER B 104 -3.28 -21.57 -4.46
C SER B 104 -2.92 -21.94 -3.04
N THR B 106 -4.78 -22.30 -0.62
CA THR B 106 -4.06 -23.27 0.18
C THR B 106 -2.75 -22.69 0.76
N ARG B 107 -2.68 -22.59 2.10
CA ARG B 107 -3.77 -22.95 3.00
C ARG B 107 -4.31 -21.72 3.73
N VAL B 108 -5.63 -21.56 3.70
CA VAL B 108 -6.26 -20.36 4.24
C VAL B 108 -6.76 -20.55 5.68
N PRO B 109 -6.81 -19.45 6.46
CA PRO B 109 -7.27 -19.54 7.83
C PRO B 109 -8.68 -20.11 7.93
N ASN B 110 -8.89 -20.96 8.92
CA ASN B 110 -10.20 -21.55 9.16
C ASN B 110 -11.14 -20.52 9.79
N TYR B 111 -11.73 -19.66 8.96
CA TYR B 111 -12.60 -18.58 9.46
C TYR B 111 -13.94 -19.09 9.99
N ASN B 112 -14.28 -18.73 11.23
CA ASN B 112 -15.62 -19.05 11.73
C ASN B 112 -16.68 -17.96 11.46
N LEU B 113 -16.24 -16.76 11.06
CA LEU B 113 -17.16 -15.74 10.56
C LEU B 113 -16.65 -15.06 9.27
N ILE B 114 -17.51 -15.04 8.25
CA ILE B 114 -17.17 -14.40 6.98
C ILE B 114 -18.22 -13.36 6.61
N VAL B 115 -17.77 -12.15 6.34
CA VAL B 115 -18.66 -11.07 5.98
C VAL B 115 -18.36 -10.66 4.53
N MET B 116 -19.30 -10.94 3.63
CA MET B 116 -19.13 -10.58 2.23
C MET B 116 -19.99 -9.37 1.89
N ASP B 117 -19.34 -8.25 1.67
CA ASP B 117 -20.02 -7.04 1.24
C ASP B 117 -20.19 -7.08 -0.27
N GLU B 118 -21.28 -6.50 -0.75
CA GLU B 118 -21.68 -6.53 -2.18
C GLU B 118 -21.79 -7.96 -2.71
N ALA B 119 -22.59 -8.77 -2.02
CA ALA B 119 -22.65 -10.19 -2.28
C ALA B 119 -23.44 -10.54 -3.55
N HIS B 120 -23.67 -9.55 -4.41
CA HIS B 120 -24.30 -9.79 -5.72
C HIS B 120 -23.29 -9.75 -6.86
N PHE B 121 -22.09 -9.24 -6.59
CA PHE B 121 -21.03 -9.07 -7.59
C PHE B 121 -20.97 -10.27 -8.55
N THR B 122 -21.13 -10.01 -9.85
CA THR B 122 -21.24 -11.10 -10.83
C THR B 122 -19.88 -11.59 -11.34
N ASP B 123 -18.80 -10.99 -10.87
CA ASP B 123 -17.45 -11.44 -11.17
C ASP B 123 -17.30 -12.92 -10.81
N PRO B 124 -16.81 -13.74 -11.76
CA PRO B 124 -16.70 -15.19 -11.57
C PRO B 124 -16.05 -15.61 -10.24
N CYS B 125 -15.01 -14.91 -9.83
CA CYS B 125 -14.36 -15.17 -8.54
C CYS B 125 -15.26 -14.91 -7.35
N SER B 126 -16.00 -13.80 -7.40
CA SER B 126 -16.96 -13.45 -6.37
C SER B 126 -18.04 -14.52 -6.22
N VAL B 127 -18.61 -14.95 -7.36
CA VAL B 127 -19.59 -16.02 -7.35
C VAL B 127 -18.98 -17.30 -6.76
N ALA B 128 -17.75 -17.62 -7.16
CA ALA B 128 -17.02 -18.80 -6.69
C ALA B 128 -16.81 -18.74 -5.17
N ALA B 129 -16.42 -17.56 -4.68
CA ALA B 129 -16.27 -17.32 -3.26
C ALA B 129 -17.56 -17.62 -2.49
N ARG B 130 -18.70 -17.15 -3.00
CA ARG B 130 -19.99 -17.39 -2.34
C ARG B 130 -20.32 -18.87 -2.24
N GLY B 131 -19.93 -19.64 -3.25
CA GLY B 131 -20.08 -21.09 -3.21
C GLY B 131 -19.28 -21.71 -2.07
N TYR B 132 -18.03 -21.30 -1.96
CA TYR B 132 -17.15 -21.76 -0.88
C TYR B 132 -17.75 -21.41 0.46
N ILE B 133 -18.07 -20.13 0.64
CA ILE B 133 -18.62 -19.66 1.90
C ILE B 133 -19.92 -20.39 2.26
N SER B 134 -20.90 -20.41 1.35
CA SER B 134 -22.15 -21.08 1.66
C SER B 134 -21.94 -22.54 2.05
N THR B 135 -20.93 -23.18 1.45
CA THR B 135 -20.58 -24.55 1.78
C THR B 135 -19.98 -24.67 3.20
N ARG B 136 -19.15 -23.71 3.60
CA ARG B 136 -18.61 -23.66 4.97
C ARG B 136 -19.72 -23.54 6.01
N VAL B 137 -20.71 -22.71 5.71
CA VAL B 137 -21.87 -22.53 6.57
C VAL B 137 -22.65 -23.83 6.69
N GLU B 138 -22.94 -24.43 5.54
CA GLU B 138 -23.66 -25.70 5.47
C GLU B 138 -23.02 -26.81 6.31
N MET B 139 -21.69 -26.82 6.35
CA MET B 139 -20.93 -27.81 7.10
C MET B 139 -20.86 -27.51 8.59
N GLY B 140 -21.44 -26.37 8.99
CA GLY B 140 -21.35 -25.92 10.36
C GLY B 140 -19.95 -25.49 10.76
N GLU B 141 -19.15 -25.12 9.75
CA GLU B 141 -17.78 -24.69 9.98
C GLU B 141 -17.67 -23.18 10.16
N ALA B 142 -18.70 -22.44 9.73
CA ALA B 142 -18.69 -20.98 9.83
C ALA B 142 -20.08 -20.39 9.86
N ALA B 143 -20.14 -19.12 10.28
CA ALA B 143 -21.30 -18.27 10.07
C ALA B 143 -20.92 -17.21 9.03
N ALA B 144 -21.85 -16.82 8.18
CA ALA B 144 -21.55 -15.80 7.17
C ALA B 144 -22.65 -14.78 6.99
N ILE B 145 -22.25 -13.57 6.61
CA ILE B 145 -23.18 -12.49 6.34
C ILE B 145 -22.96 -12.02 4.91
N PHE B 146 -24.04 -11.96 4.14
CA PHE B 146 -23.99 -11.46 2.80
C PHE B 146 -24.74 -10.14 2.78
N MET B 147 -24.04 -9.06 2.48
CA MET B 147 -24.66 -7.76 2.46
C MET B 147 -24.70 -7.23 1.03
N THR B 148 -25.85 -6.71 0.63
CA THR B 148 -26.01 -6.12 -0.69
C THR B 148 -27.37 -5.46 -0.79
N ALA B 149 -27.40 -4.29 -1.42
CA ALA B 149 -28.67 -3.62 -1.69
C ALA B 149 -29.46 -4.34 -2.78
N THR B 150 -28.76 -5.09 -3.63
CA THR B 150 -29.37 -5.72 -4.79
C THR B 150 -29.12 -7.24 -4.80
N PRO B 151 -29.82 -8.00 -3.92
CA PRO B 151 -29.57 -9.44 -3.81
C PRO B 151 -30.03 -10.16 -5.08
N PRO B 152 -29.45 -11.33 -5.39
CA PRO B 152 -29.84 -11.96 -6.67
C PRO B 152 -31.37 -12.07 -6.75
N GLY B 153 -31.91 -11.72 -7.90
CA GLY B 153 -33.36 -11.66 -8.05
C GLY B 153 -33.85 -10.22 -8.04
N SER B 154 -32.94 -9.28 -7.83
CA SER B 154 -33.27 -7.85 -7.87
C SER B 154 -33.74 -7.45 -9.25
N ILE B 155 -34.82 -6.69 -9.30
CA ILE B 155 -35.37 -6.26 -10.58
C ILE B 155 -35.67 -4.77 -10.62
N ASP B 156 -35.69 -4.12 -9.46
CA ASP B 156 -36.01 -2.69 -9.37
C ASP B 156 -34.78 -1.80 -9.57
N PRO B 157 -34.75 -1.05 -10.70
CA PRO B 157 -33.63 -0.17 -10.99
C PRO B 157 -33.66 1.12 -10.17
N PHE B 158 -34.78 1.38 -9.48
CA PHE B 158 -34.96 2.61 -8.72
C PHE B 158 -35.34 2.36 -7.27
N PRO B 159 -34.44 1.76 -6.45
CA PRO B 159 -34.80 1.53 -5.04
C PRO B 159 -34.91 2.86 -4.26
N GLN B 160 -35.19 2.80 -2.96
CA GLN B 160 -35.32 4.04 -2.17
C GLN B 160 -33.97 4.61 -1.76
N SER B 161 -33.96 5.92 -1.50
CA SER B 161 -32.74 6.62 -1.15
C SER B 161 -32.96 7.48 0.10
N ASN B 162 -31.86 7.94 0.71
CA ASN B 162 -31.95 8.82 1.89
C ASN B 162 -32.46 10.20 1.51
N SER B 163 -32.50 10.47 0.20
CA SER B 163 -32.91 11.75 -0.32
C SER B 163 -33.60 11.61 -1.69
N PRO B 164 -34.62 12.43 -1.94
CA PRO B 164 -35.32 12.39 -3.23
C PRO B 164 -34.36 12.45 -4.42
N ILE B 165 -34.61 11.60 -5.42
CA ILE B 165 -33.81 11.56 -6.64
C ILE B 165 -34.67 11.93 -7.85
N GLU B 166 -34.17 12.82 -8.69
CA GLU B 166 -34.84 13.12 -9.96
C GLU B 166 -34.30 12.18 -11.05
N ASP B 167 -35.11 11.23 -11.51
CA ASP B 167 -34.70 10.32 -12.58
C ASP B 167 -35.08 10.88 -13.94
N ILE B 168 -34.06 11.12 -14.76
CA ILE B 168 -34.20 11.76 -16.05
C ILE B 168 -33.63 10.88 -17.15
N GLU B 169 -34.45 10.52 -18.14
CA GLU B 169 -33.97 9.79 -19.31
C GLU B 169 -33.63 10.74 -20.48
N ARG B 170 -32.36 10.73 -20.89
CA ARG B 170 -31.85 11.54 -22.01
C ARG B 170 -30.85 10.74 -22.80
N GLU B 171 -30.64 11.11 -24.07
CA GLU B 171 -29.52 10.56 -24.84
C GLU B 171 -28.20 10.96 -24.17
N ILE B 172 -27.28 10.01 -24.05
CA ILE B 172 -25.97 10.27 -23.45
C ILE B 172 -24.89 9.96 -24.48
N PRO B 173 -23.94 10.90 -24.70
CA PRO B 173 -22.87 10.66 -25.66
C PRO B 173 -21.94 9.54 -25.20
N GLU B 174 -21.52 8.71 -26.16
CA GLU B 174 -20.59 7.60 -25.90
C GLU B 174 -19.15 7.99 -26.24
N ARG B 175 -18.99 9.05 -27.01
CA ARG B 175 -17.70 9.58 -27.42
C ARG B 175 -17.69 11.08 -27.18
N SER B 176 -16.65 11.77 -27.64
CA SER B 176 -16.63 13.23 -27.54
C SER B 176 -17.73 13.85 -28.41
N TRP B 177 -18.01 15.12 -28.17
CA TRP B 177 -19.10 15.84 -28.85
C TRP B 177 -18.76 17.34 -28.95
N ASN B 178 -18.98 17.92 -30.12
CA ASN B 178 -18.76 19.36 -30.30
C ASN B 178 -19.91 20.18 -29.73
N THR B 179 -21.13 19.77 -30.08
CA THR B 179 -22.35 20.45 -29.66
C THR B 179 -23.47 19.44 -29.36
N GLY B 180 -24.65 19.95 -29.01
CA GLY B 180 -25.82 19.11 -28.81
C GLY B 180 -26.08 18.65 -27.38
N PHE B 181 -25.08 18.78 -26.51
CA PHE B 181 -25.22 18.26 -25.15
C PHE B 181 -24.91 19.27 -24.05
N ASP B 182 -25.55 20.44 -24.14
CA ASP B 182 -25.26 21.53 -23.22
C ASP B 182 -25.62 21.21 -21.78
N TRP B 183 -26.73 20.52 -21.56
CA TRP B 183 -27.13 20.07 -20.21
C TRP B 183 -26.00 19.43 -19.39
N ILE B 184 -25.04 18.81 -20.08
CA ILE B 184 -23.87 18.20 -19.44
C ILE B 184 -23.00 19.25 -18.73
N THR B 185 -22.64 20.30 -19.47
CA THR B 185 -21.69 21.28 -18.97
C THR B 185 -22.33 22.48 -18.26
N ASP B 186 -23.62 22.71 -18.49
CA ASP B 186 -24.34 23.83 -17.86
C ASP B 186 -24.60 23.58 -16.37
N TYR B 187 -24.92 22.32 -16.04
CA TYR B 187 -25.15 21.86 -14.68
C TYR B 187 -24.04 22.33 -13.74
N GLN B 188 -24.42 22.95 -12.62
CA GLN B 188 -23.47 23.64 -11.74
C GLN B 188 -22.82 22.73 -10.71
N GLY B 189 -23.47 21.60 -10.41
CA GLY B 189 -23.01 20.70 -9.35
C GLY B 189 -21.90 19.75 -9.75
N LYS B 190 -21.75 18.68 -8.98
CA LYS B 190 -20.72 17.68 -9.23
C LYS B 190 -21.30 16.40 -9.82
N THR B 191 -20.68 15.91 -10.89
CA THR B 191 -21.22 14.77 -11.64
C THR B 191 -20.34 13.51 -11.59
N VAL B 192 -20.98 12.37 -11.47
CA VAL B 192 -20.34 11.06 -11.58
C VAL B 192 -20.83 10.39 -12.86
N TRP B 193 -19.90 10.07 -13.75
CA TRP B 193 -20.25 9.58 -15.08
C TRP B 193 -19.66 8.19 -15.32
N PHE B 194 -20.55 7.22 -15.49
CA PHE B 194 -20.13 5.83 -15.67
C PHE B 194 -19.89 5.50 -17.12
N VAL B 195 -18.70 4.96 -17.41
CA VAL B 195 -18.32 4.59 -18.77
C VAL B 195 -17.94 3.11 -18.84
N PRO B 196 -18.16 2.48 -19.99
CA PRO B 196 -17.94 1.05 -20.06
C PRO B 196 -16.45 0.67 -20.24
N SER B 197 -15.60 1.65 -20.59
CA SER B 197 -14.19 1.38 -20.80
C SER B 197 -13.28 2.57 -20.50
N ILE B 198 -12.01 2.29 -20.25
CA ILE B 198 -11.01 3.32 -20.02
C ILE B 198 -10.80 4.21 -21.25
N LYS B 199 -10.75 3.61 -22.44
CA LYS B 199 -10.54 4.38 -23.67
C LYS B 199 -11.67 5.40 -23.83
N ALA B 200 -12.91 4.92 -23.70
CA ALA B 200 -14.08 5.80 -23.74
C ALA B 200 -13.97 6.83 -22.62
N GLY B 201 -13.51 6.40 -21.45
CA GLY B 201 -13.30 7.28 -20.30
C GLY B 201 -12.36 8.42 -20.62
N ASN B 202 -11.24 8.11 -21.27
CA ASN B 202 -10.27 9.14 -21.68
C ASN B 202 -10.81 10.13 -22.71
N ASP B 203 -11.58 9.63 -23.68
CA ASP B 203 -12.17 10.42 -24.74
C ASP B 203 -13.08 11.48 -24.13
N ILE B 204 -13.99 11.04 -23.27
CA ILE B 204 -14.97 11.90 -22.62
C ILE B 204 -14.30 12.88 -21.64
N ALA B 205 -13.28 12.40 -20.93
CA ALA B 205 -12.58 13.25 -19.96
C ALA B 205 -11.85 14.40 -20.63
N ASN B 206 -11.02 14.09 -21.63
CA ASN B 206 -10.34 15.09 -22.44
C ASN B 206 -11.32 16.12 -23.00
N CYS B 207 -12.48 15.64 -23.44
CA CYS B 207 -13.55 16.47 -23.99
C CYS B 207 -14.11 17.46 -22.98
N LEU B 208 -14.32 16.99 -21.75
CA LEU B 208 -14.84 17.84 -20.69
C LEU B 208 -13.80 18.83 -20.18
N ARG B 209 -12.54 18.44 -20.21
CA ARG B 209 -11.45 19.31 -19.75
C ARG B 209 -11.38 20.58 -20.60
N LYS B 210 -11.33 20.42 -21.92
CA LYS B 210 -11.24 21.57 -22.83
C LYS B 210 -12.54 22.38 -22.87
N SER B 211 -13.43 22.07 -21.93
CA SER B 211 -14.64 22.86 -21.70
C SER B 211 -14.50 23.66 -20.40
N GLY B 212 -13.34 23.53 -19.75
CA GLY B 212 -13.04 24.25 -18.51
C GLY B 212 -13.39 23.50 -17.23
N LYS B 213 -13.70 22.22 -17.36
CA LYS B 213 -14.13 21.42 -16.23
C LYS B 213 -12.99 20.62 -15.60
N ARG B 214 -13.00 20.52 -14.27
CA ARG B 214 -12.02 19.75 -13.50
C ARG B 214 -12.45 18.28 -13.45
N VAL B 215 -11.71 17.42 -14.15
CA VAL B 215 -12.06 16.01 -14.30
C VAL B 215 -11.04 15.08 -13.61
N ILE B 216 -11.56 14.20 -12.76
CA ILE B 216 -10.79 13.07 -12.21
C ILE B 216 -11.29 11.81 -12.87
N GLN B 217 -10.39 11.03 -13.46
CA GLN B 217 -10.75 9.74 -14.05
C GLN B 217 -10.41 8.59 -13.10
N LEU B 218 -11.37 7.68 -12.94
CA LEU B 218 -11.19 6.53 -12.07
C LEU B 218 -11.33 5.23 -12.82
N SER B 219 -10.38 4.33 -12.59
CA SER B 219 -10.41 2.97 -13.13
C SER B 219 -9.38 2.16 -12.37
N ARG B 220 -9.30 0.87 -12.70
CA ARG B 220 -8.34 -0.02 -12.04
C ARG B 220 -6.92 0.52 -12.14
N LYS B 221 -6.66 1.30 -13.20
CA LYS B 221 -5.33 1.81 -13.51
C LYS B 221 -4.98 3.12 -12.78
N THR B 222 -6.00 3.89 -12.43
CA THR B 222 -5.76 5.20 -11.82
C THR B 222 -6.25 5.31 -10.38
N PHE B 223 -6.77 4.22 -9.82
CA PHE B 223 -7.31 4.23 -8.46
C PHE B 223 -6.36 4.82 -7.40
N ASP B 224 -5.13 4.30 -7.34
CA ASP B 224 -4.22 4.63 -6.24
C ASP B 224 -3.99 6.13 -6.10
N THR B 225 -3.73 6.77 -7.23
CA THR B 225 -3.34 8.16 -7.26
C THR B 225 -4.57 9.07 -7.28
N GLU B 226 -5.65 8.56 -7.86
CA GLU B 226 -6.82 9.39 -8.17
C GLU B 226 -7.98 9.30 -7.19
N TYR B 227 -8.14 8.15 -6.51
CA TYR B 227 -9.24 8.02 -5.57
C TYR B 227 -9.19 9.00 -4.40
N PRO B 228 -8.05 9.06 -3.66
CA PRO B 228 -7.96 10.09 -2.62
C PRO B 228 -8.34 11.49 -3.10
N LYS B 229 -8.19 11.73 -4.40
CA LYS B 229 -8.55 13.03 -5.00
C LYS B 229 -10.04 13.32 -5.06
N THR B 230 -10.86 12.28 -5.13
CA THR B 230 -12.32 12.46 -5.15
C THR B 230 -12.82 12.80 -3.75
N LYS B 231 -12.05 12.39 -2.74
CA LYS B 231 -12.37 12.64 -1.34
C LYS B 231 -11.99 14.06 -0.90
N LEU B 232 -10.68 14.30 -0.79
CA LEU B 232 -10.12 15.47 -0.12
C LEU B 232 -10.05 16.74 -0.99
N THR B 233 -10.38 16.60 -2.28
CA THR B 233 -10.16 17.66 -3.28
C THR B 233 -11.48 18.18 -3.86
N ASP B 234 -11.44 19.35 -4.49
CA ASP B 234 -12.57 19.91 -5.24
C ASP B 234 -12.49 19.63 -6.74
N TRP B 235 -13.60 19.13 -7.29
CA TRP B 235 -13.64 18.68 -8.68
C TRP B 235 -15.04 18.87 -9.27
N ASP B 236 -15.12 18.88 -10.60
CA ASP B 236 -16.39 18.99 -11.31
C ASP B 236 -16.94 17.62 -11.69
N PHE B 237 -16.09 16.80 -12.32
CA PHE B 237 -16.54 15.51 -12.86
C PHE B 237 -15.67 14.36 -12.38
N VAL B 238 -16.30 13.22 -12.09
CA VAL B 238 -15.58 11.96 -11.99
C VAL B 238 -16.02 11.09 -13.15
N VAL B 239 -15.08 10.74 -14.02
CA VAL B 239 -15.35 9.79 -15.10
C VAL B 239 -14.85 8.43 -14.63
N THR B 240 -15.76 7.47 -14.53
CA THR B 240 -15.45 6.18 -13.90
C THR B 240 -15.88 5.01 -14.73
N THR B 241 -15.04 3.97 -14.72
CA THR B 241 -15.50 2.63 -15.08
C THR B 241 -16.25 2.13 -13.85
N ASP B 242 -16.80 0.93 -13.91
CA ASP B 242 -17.60 0.45 -12.78
C ASP B 242 -16.76 -0.11 -11.64
N ILE B 243 -15.53 0.41 -11.49
CA ILE B 243 -14.76 0.19 -10.27
C ILE B 243 -15.46 0.90 -9.13
N SER B 244 -16.17 1.99 -9.43
CA SER B 244 -16.92 2.68 -8.39
C SER B 244 -18.44 2.50 -8.46
N GLU B 245 -18.87 1.42 -9.10
CA GLU B 245 -20.28 1.08 -9.18
C GLU B 245 -20.90 0.85 -7.81
N MET B 246 -20.12 0.27 -6.89
CA MET B 246 -20.59 -0.04 -5.54
C MET B 246 -19.86 0.73 -4.44
N GLY B 247 -20.59 1.06 -3.37
CA GLY B 247 -20.01 1.56 -2.12
C GLY B 247 -19.42 2.96 -2.14
N ALA B 248 -19.12 3.45 -3.34
CA ALA B 248 -18.42 4.73 -3.50
C ALA B 248 -19.22 5.87 -2.88
N ASN B 249 -18.53 6.70 -2.10
CA ASN B 249 -19.15 7.87 -1.47
C ASN B 249 -18.59 9.21 -1.96
N PHE B 250 -19.04 9.63 -3.14
CA PHE B 250 -18.70 10.96 -3.65
C PHE B 250 -19.67 11.99 -3.09
N ARG B 251 -19.25 13.23 -2.94
CA ARG B 251 -20.17 14.26 -2.50
C ARG B 251 -20.87 14.82 -3.72
N ALA B 252 -21.55 13.95 -4.47
CA ALA B 252 -22.01 14.31 -5.83
C ALA B 252 -23.47 14.74 -5.90
N GLY B 253 -23.81 15.46 -6.96
CA GLY B 253 -25.19 15.90 -7.18
C GLY B 253 -25.89 15.15 -8.30
N ARG B 254 -25.11 14.57 -9.21
CA ARG B 254 -25.66 13.91 -10.38
C ARG B 254 -24.87 12.67 -10.81
N VAL B 255 -25.58 11.61 -11.16
CA VAL B 255 -24.96 10.51 -11.89
C VAL B 255 -25.41 10.53 -13.35
N ILE B 256 -24.45 10.34 -14.25
CA ILE B 256 -24.77 10.08 -15.65
C ILE B 256 -24.51 8.59 -15.94
N ASP B 257 -25.52 7.91 -16.46
CA ASP B 257 -25.45 6.48 -16.66
C ASP B 257 -26.03 6.01 -17.99
N PRO B 258 -25.15 5.74 -18.98
CA PRO B 258 -25.58 5.20 -20.28
C PRO B 258 -26.11 3.78 -20.21
N ARG B 259 -25.88 3.09 -19.08
CA ARG B 259 -26.44 1.76 -18.82
C ARG B 259 -26.08 0.73 -19.86
N ARG B 260 -24.87 0.82 -20.40
CA ARG B 260 -24.42 -0.11 -21.44
C ARG B 260 -23.02 -0.56 -21.11
N CYS B 261 -22.68 -1.77 -21.58
CA CYS B 261 -21.36 -2.35 -21.38
C CYS B 261 -21.16 -3.56 -22.28
N LEU B 262 -19.91 -3.94 -22.51
CA LEU B 262 -19.59 -5.14 -23.27
C LEU B 262 -19.59 -6.35 -22.35
N LYS B 263 -19.86 -7.51 -22.90
CA LYS B 263 -20.07 -8.68 -22.07
C LYS B 263 -19.49 -9.93 -22.74
N PRO B 264 -18.66 -10.69 -21.99
CA PRO B 264 -18.15 -11.95 -22.54
C PRO B 264 -19.24 -13.02 -22.60
N VAL B 265 -19.36 -13.65 -23.76
CA VAL B 265 -20.35 -14.71 -23.97
C VAL B 265 -19.67 -15.93 -24.58
N ILE B 266 -19.93 -17.09 -24.00
CA ILE B 266 -19.46 -18.34 -24.57
C ILE B 266 -20.39 -18.77 -25.70
N LEU B 267 -19.85 -18.83 -26.90
CA LEU B 267 -20.62 -19.30 -28.06
C LEU B 267 -20.45 -20.80 -28.21
N THR B 268 -21.58 -21.49 -28.40
CA THR B 268 -21.61 -22.94 -28.58
C THR B 268 -22.09 -23.34 -29.98
N ASP B 269 -22.44 -22.35 -30.79
CA ASP B 269 -22.72 -22.53 -32.22
C ASP B 269 -21.40 -22.72 -32.95
N GLY B 270 -21.05 -23.96 -33.23
CA GLY B 270 -19.72 -24.28 -33.77
C GLY B 270 -18.70 -24.48 -32.66
N PRO B 271 -17.41 -24.41 -32.97
CA PRO B 271 -16.40 -24.67 -31.93
C PRO B 271 -16.51 -23.62 -30.84
N GLU B 272 -16.46 -24.07 -29.59
CA GLU B 272 -16.67 -23.22 -28.43
C GLU B 272 -15.64 -22.09 -28.35
N ARG B 273 -16.10 -20.87 -28.13
CA ARG B 273 -15.24 -19.69 -28.05
C ARG B 273 -15.91 -18.56 -27.28
N VAL B 274 -15.13 -17.57 -26.85
CA VAL B 274 -15.67 -16.41 -26.12
C VAL B 274 -15.54 -15.13 -26.92
N ILE B 275 -16.66 -14.46 -27.12
CA ILE B 275 -16.69 -13.18 -27.79
C ILE B 275 -17.02 -12.09 -26.80
N LEU B 276 -16.78 -10.84 -27.20
CA LEU B 276 -17.22 -9.70 -26.41
C LEU B 276 -18.47 -9.11 -27.07
N ALA B 277 -19.62 -9.47 -26.54
CA ALA B 277 -20.91 -9.07 -27.06
C ALA B 277 -21.24 -7.69 -26.54
N GLY B 278 -21.87 -6.88 -27.37
CA GLY B 278 -22.34 -5.58 -26.95
C GLY B 278 -22.12 -4.45 -27.94
N PRO B 279 -22.28 -3.18 -27.47
CA PRO B 279 -22.57 -2.90 -26.06
C PRO B 279 -24.02 -3.26 -25.73
N ILE B 280 -24.24 -3.92 -24.59
CA ILE B 280 -25.59 -4.29 -24.19
C ILE B 280 -26.01 -3.57 -22.92
N PRO B 281 -27.33 -3.51 -22.66
CA PRO B 281 -27.83 -2.92 -21.42
C PRO B 281 -27.29 -3.66 -20.19
N VAL B 282 -27.02 -2.90 -19.13
CA VAL B 282 -26.63 -3.46 -17.85
C VAL B 282 -27.85 -4.10 -17.17
N THR B 283 -27.60 -4.87 -16.12
CA THR B 283 -28.67 -5.48 -15.33
C THR B 283 -29.34 -4.40 -14.48
N PRO B 284 -30.60 -4.63 -14.04
CA PRO B 284 -31.23 -3.70 -13.11
C PRO B 284 -30.37 -3.41 -11.87
N ALA B 285 -29.72 -4.45 -11.34
CA ALA B 285 -28.86 -4.30 -10.15
C ALA B 285 -27.74 -3.28 -10.36
N SER B 286 -27.03 -3.40 -11.48
CA SER B 286 -25.95 -2.47 -11.77
C SER B 286 -26.44 -1.03 -11.88
N ALA B 287 -27.58 -0.83 -12.53
CA ALA B 287 -28.16 0.51 -12.68
C ALA B 287 -28.55 1.07 -11.31
N ALA B 288 -29.14 0.21 -10.48
CA ALA B 288 -29.50 0.56 -9.11
C ALA B 288 -28.29 0.98 -8.29
N GLN B 289 -27.18 0.28 -8.48
CA GLN B 289 -25.95 0.60 -7.77
C GLN B 289 -25.39 1.94 -8.25
N ARG B 290 -25.42 2.15 -9.57
CA ARG B 290 -24.92 3.40 -10.16
C ARG B 290 -25.73 4.63 -9.71
N ARG B 291 -27.06 4.54 -9.82
CA ARG B 291 -27.97 5.54 -9.28
C ARG B 291 -27.78 5.71 -7.77
N GLY B 292 -27.51 4.60 -7.08
CA GLY B 292 -27.22 4.58 -5.66
C GLY B 292 -26.05 5.43 -5.19
N ARG B 293 -25.23 5.93 -6.12
CA ARG B 293 -24.11 6.81 -5.75
C ARG B 293 -24.60 8.19 -5.29
N ILE B 294 -25.81 8.57 -5.71
CA ILE B 294 -26.37 9.86 -5.33
C ILE B 294 -27.69 9.72 -4.59
N GLY B 295 -28.20 10.85 -4.09
CA GLY B 295 -29.36 10.85 -3.20
C GLY B 295 -29.03 10.23 -1.86
N ARG B 296 -27.75 10.25 -1.51
CA ARG B 296 -27.29 9.65 -0.27
C ARG B 296 -27.40 10.65 0.89
N ASN B 297 -27.32 11.93 0.57
CA ASN B 297 -27.33 12.97 1.59
C ASN B 297 -28.71 13.59 1.84
N PRO B 298 -29.29 13.32 3.04
CA PRO B 298 -30.62 13.81 3.40
C PRO B 298 -30.72 15.34 3.38
N ALA B 299 -29.60 16.02 3.65
CA ALA B 299 -29.55 17.48 3.58
C ALA B 299 -29.74 17.99 2.15
N GLN B 300 -29.33 17.19 1.17
CA GLN B 300 -29.31 17.61 -0.24
C GLN B 300 -30.44 16.93 -1.03
N GLU B 301 -31.48 17.69 -1.36
CA GLU B 301 -32.74 17.13 -1.85
C GLU B 301 -32.91 17.00 -3.36
N ASP B 302 -32.06 17.67 -4.13
CA ASP B 302 -32.27 17.77 -5.58
C ASP B 302 -31.25 17.06 -6.48
N ASP B 303 -30.74 15.92 -6.02
CA ASP B 303 -29.83 15.10 -6.81
C ASP B 303 -30.48 14.51 -8.06
N GLN B 304 -29.65 14.19 -9.05
CA GLN B 304 -30.15 13.70 -10.32
C GLN B 304 -29.49 12.41 -10.77
N TYR B 305 -30.28 11.56 -11.39
CA TYR B 305 -29.80 10.38 -12.08
C TYR B 305 -30.28 10.45 -13.52
N VAL B 306 -29.35 10.66 -14.45
CA VAL B 306 -29.66 10.77 -15.88
C VAL B 306 -29.22 9.50 -16.58
N PHE B 307 -30.16 8.83 -17.23
CA PHE B 307 -29.91 7.52 -17.81
C PHE B 307 -30.49 7.44 -19.21
N SER B 308 -30.02 6.45 -19.97
CA SER B 308 -30.59 6.14 -21.27
C SER B 308 -30.94 4.66 -21.35
N GLY B 309 -32.18 4.39 -21.74
CA GLY B 309 -32.63 3.03 -22.03
C GLY B 309 -32.93 2.14 -20.83
N ASP B 310 -33.52 0.99 -21.11
CA ASP B 310 -33.90 0.05 -20.07
C ASP B 310 -32.78 -0.93 -19.74
N PRO B 311 -32.74 -1.40 -18.48
CA PRO B 311 -31.85 -2.49 -18.14
C PRO B 311 -32.34 -3.81 -18.76
N LEU B 312 -31.48 -4.82 -18.74
CA LEU B 312 -31.80 -6.15 -19.24
C LEU B 312 -31.37 -7.15 -18.16
N LYS B 313 -32.34 -7.82 -17.55
CA LYS B 313 -32.05 -8.71 -16.41
C LYS B 313 -31.41 -10.03 -16.85
N ASN B 314 -31.77 -10.49 -18.03
CA ASN B 314 -31.30 -11.78 -18.54
C ASN B 314 -29.81 -11.76 -18.89
N ASP B 315 -29.01 -12.50 -18.10
CA ASP B 315 -27.57 -12.62 -18.32
C ASP B 315 -27.08 -14.08 -18.27
N GLU B 316 -27.96 -14.99 -18.68
CA GLU B 316 -27.69 -16.43 -18.65
C GLU B 316 -26.60 -16.87 -19.64
N ASP B 317 -26.41 -16.09 -20.70
CA ASP B 317 -25.37 -16.36 -21.69
C ASP B 317 -24.03 -15.70 -21.34
N HIS B 318 -24.00 -14.96 -20.24
CA HIS B 318 -22.75 -14.38 -19.76
C HIS B 318 -21.83 -15.49 -19.31
N ALA B 319 -20.56 -15.33 -19.64
CA ALA B 319 -19.54 -16.33 -19.37
C ALA B 319 -19.26 -16.57 -17.88
N HIS B 320 -19.64 -15.62 -17.02
CA HIS B 320 -19.25 -15.70 -15.62
C HIS B 320 -19.88 -16.85 -14.84
N TRP B 321 -21.08 -17.24 -15.22
CA TRP B 321 -21.74 -18.37 -14.54
C TRP B 321 -20.95 -19.67 -14.76
N THR B 322 -20.48 -19.89 -15.98
CA THR B 322 -19.66 -21.06 -16.29
C THR B 322 -18.30 -20.95 -15.64
N GLU B 323 -17.69 -19.77 -15.76
CA GLU B 323 -16.34 -19.53 -15.26
C GLU B 323 -16.23 -19.73 -13.74
N ALA B 324 -17.25 -19.26 -12.99
CA ALA B 324 -17.31 -19.49 -11.53
C ALA B 324 -17.33 -20.98 -11.20
N LYS B 325 -18.07 -21.74 -11.98
CA LYS B 325 -18.15 -23.19 -11.79
C LYS B 325 -16.80 -23.83 -12.13
N MET B 326 -16.13 -23.31 -13.16
CA MET B 326 -14.75 -23.70 -13.48
C MET B 326 -13.82 -23.48 -12.28
N LEU B 327 -13.92 -22.32 -11.64
CA LEU B 327 -13.13 -22.01 -10.45
C LEU B 327 -13.51 -22.89 -9.26
N LEU B 328 -14.81 -22.97 -8.98
CA LEU B 328 -15.31 -23.65 -7.80
C LEU B 328 -15.02 -25.14 -7.86
N ASP B 329 -15.06 -25.72 -9.06
CA ASP B 329 -14.79 -27.15 -9.27
C ASP B 329 -13.35 -27.54 -8.94
N ASN B 330 -12.53 -26.56 -8.60
CA ASN B 330 -11.11 -26.80 -8.28
C ASN B 330 -10.72 -26.17 -6.95
N ILE B 331 -11.73 -25.84 -6.15
CA ILE B 331 -11.52 -25.35 -4.80
C ILE B 331 -11.98 -26.44 -3.83
N TYR B 332 -11.21 -26.63 -2.77
CA TYR B 332 -11.41 -27.71 -1.82
C TYR B 332 -11.47 -27.12 -0.41
N THR B 333 -12.40 -27.62 0.42
CA THR B 333 -12.38 -27.22 1.81
C THR B 333 -11.27 -28.01 2.50
N PRO B 334 -10.78 -27.54 3.65
CA PRO B 334 -9.85 -28.29 4.48
C PRO B 334 -10.19 -29.77 4.68
N GLU B 335 -11.47 -30.09 4.64
CA GLU B 335 -11.96 -31.45 4.89
C GLU B 335 -11.95 -32.31 3.62
N GLY B 336 -11.84 -31.66 2.46
CA GLY B 336 -11.74 -32.38 1.19
C GLY B 336 -12.93 -32.18 0.27
N ILE B 337 -13.94 -31.47 0.77
CA ILE B 337 -15.18 -31.22 0.07
C ILE B 337 -14.99 -30.19 -1.05
N ILE B 338 -15.50 -30.49 -2.24
CA ILE B 338 -15.65 -29.48 -3.28
C ILE B 338 -16.96 -28.74 -3.02
N PRO B 339 -16.92 -27.40 -2.96
CA PRO B 339 -18.08 -26.61 -2.59
C PRO B 339 -19.12 -26.58 -3.70
N THR B 340 -20.35 -26.28 -3.30
CA THR B 340 -21.46 -26.10 -4.23
C THR B 340 -21.79 -24.60 -4.32
N LEU B 341 -22.24 -24.15 -5.49
CA LEU B 341 -22.61 -22.75 -5.66
C LEU B 341 -23.67 -22.30 -4.67
N PHE B 342 -23.52 -21.08 -4.17
CA PHE B 342 -24.55 -20.43 -3.38
C PHE B 342 -25.93 -20.65 -4.03
N GLY B 343 -26.88 -21.14 -3.23
CA GLY B 343 -28.26 -21.41 -3.66
C GLY B 343 -28.84 -20.64 -4.84
N PRO B 344 -29.17 -19.35 -4.64
CA PRO B 344 -29.84 -18.52 -5.65
C PRO B 344 -29.09 -18.37 -6.98
N GLU B 345 -27.86 -18.88 -7.02
CA GLU B 345 -27.00 -18.77 -8.20
C GLU B 345 -26.73 -20.11 -8.88
N ARG B 346 -27.44 -21.15 -8.45
CA ARG B 346 -27.31 -22.46 -9.10
C ARG B 346 -28.17 -22.54 -10.36
N GLU B 347 -27.77 -23.43 -11.27
CA GLU B 347 -28.43 -23.63 -12.56
C GLU B 347 -28.71 -22.33 -13.32
N LYS B 348 -27.71 -21.44 -13.30
CA LYS B 348 -27.68 -20.29 -14.20
C LYS B 348 -27.12 -20.75 -15.55
N THR B 349 -26.37 -21.87 -15.53
CA THR B 349 -26.09 -22.69 -16.72
C THR B 349 -26.03 -24.19 -16.34
N GLN B 350 -26.28 -25.05 -17.31
CA GLN B 350 -26.41 -26.49 -17.05
C GLN B 350 -25.08 -27.26 -17.16
N ALA B 351 -24.33 -27.27 -16.06
CA ALA B 351 -23.04 -27.96 -16.01
C ALA B 351 -23.14 -29.23 -15.18
N ASP B 353 -22.66 -31.73 -12.39
CA ASP B 353 -21.56 -31.10 -11.67
C ASP B 353 -20.27 -31.94 -11.67
N GLY B 354 -19.19 -31.38 -11.12
CA GLY B 354 -17.86 -32.00 -11.16
C GLY B 354 -17.28 -32.04 -12.56
N GLU B 355 -17.91 -31.30 -13.45
CA GLU B 355 -17.57 -31.28 -14.86
C GLU B 355 -16.22 -30.61 -15.14
N PHE B 356 -15.83 -29.65 -14.30
CA PHE B 356 -14.62 -28.89 -14.56
C PHE B 356 -13.45 -29.23 -13.64
N ARG B 357 -13.58 -30.34 -12.91
CA ARG B 357 -12.52 -30.84 -12.01
C ARG B 357 -11.22 -31.14 -12.77
N LEU B 358 -10.10 -30.60 -12.28
CA LEU B 358 -8.79 -30.87 -12.87
C LEU B 358 -7.88 -31.58 -11.89
N ARG B 359 -7.20 -32.62 -12.38
CA ARG B 359 -6.29 -33.43 -11.55
C ARG B 359 -4.93 -32.78 -11.41
N GLY B 360 -4.26 -33.06 -10.28
CA GLY B 360 -2.86 -32.71 -10.03
C GLY B 360 -2.30 -31.49 -10.74
N GLU B 361 -1.38 -31.72 -11.68
CA GLU B 361 -0.64 -30.62 -12.29
C GLU B 361 -1.44 -29.73 -13.28
N GLN B 362 -2.56 -30.26 -13.79
CA GLN B 362 -3.46 -29.48 -14.63
C GLN B 362 -4.08 -28.35 -13.82
N ARG B 363 -4.39 -28.65 -12.57
CA ARG B 363 -4.96 -27.69 -11.64
C ARG B 363 -3.96 -26.56 -11.40
N LYS B 364 -2.71 -26.90 -11.10
CA LYS B 364 -1.68 -25.89 -10.88
C LYS B 364 -1.46 -25.00 -12.11
N THR B 365 -1.44 -25.60 -13.30
CA THR B 365 -1.35 -24.88 -14.57
C THR B 365 -2.51 -23.90 -14.75
N PHE B 366 -3.73 -24.40 -14.51
CA PHE B 366 -4.94 -23.59 -14.55
C PHE B 366 -4.79 -22.33 -13.72
N VAL B 367 -4.35 -22.50 -12.48
CA VAL B 367 -4.19 -21.37 -11.57
C VAL B 367 -3.12 -20.44 -12.10
N GLU B 368 -1.99 -21.02 -12.52
CA GLU B 368 -0.87 -20.26 -13.05
C GLU B 368 -1.23 -19.49 -14.32
N LEU B 369 -2.07 -20.07 -15.17
CA LEU B 369 -2.51 -19.39 -16.38
C LEU B 369 -3.30 -18.13 -16.08
N MET B 370 -4.10 -18.17 -15.02
CA MET B 370 -4.86 -16.99 -14.60
C MET B 370 -3.98 -16.01 -13.84
N ARG B 371 -3.19 -16.54 -12.90
CA ARG B 371 -2.40 -15.76 -11.95
C ARG B 371 -1.17 -15.10 -12.59
N ARG B 372 -0.37 -15.90 -13.31
CA ARG B 372 0.85 -15.42 -13.96
C ARG B 372 0.63 -15.06 -15.43
N GLY B 373 -0.30 -15.77 -16.08
CA GLY B 373 -0.58 -15.53 -17.49
C GLY B 373 -1.54 -14.39 -17.77
N ASP B 374 -2.31 -14.00 -16.74
CA ASP B 374 -3.39 -12.98 -16.85
C ASP B 374 -4.44 -13.37 -17.90
N LEU B 375 -4.77 -14.65 -17.96
CA LEU B 375 -5.72 -15.13 -18.95
C LEU B 375 -7.08 -15.34 -18.31
N PRO B 376 -8.16 -15.08 -19.07
CA PRO B 376 -9.50 -15.34 -18.53
C PRO B 376 -9.67 -16.78 -18.05
N VAL B 377 -10.67 -16.99 -17.20
CA VAL B 377 -10.92 -18.30 -16.61
C VAL B 377 -11.15 -19.34 -17.69
N TRP B 378 -11.96 -18.99 -18.70
CA TRP B 378 -12.34 -19.96 -19.72
C TRP B 378 -11.12 -20.47 -20.51
N LEU B 379 -10.31 -19.54 -20.98
CA LEU B 379 -9.14 -19.87 -21.78
C LEU B 379 -8.16 -20.69 -20.95
N SER B 380 -7.89 -20.21 -19.73
CA SER B 380 -7.05 -20.91 -18.77
C SER B 380 -7.53 -22.35 -18.59
N TYR B 381 -8.84 -22.52 -18.49
CA TYR B 381 -9.40 -23.86 -18.34
C TYR B 381 -9.16 -24.68 -19.59
N LYS B 382 -9.42 -24.09 -20.75
CA LYS B 382 -9.28 -24.80 -22.01
C LYS B 382 -7.87 -25.34 -22.18
N VAL B 383 -6.89 -24.50 -21.92
CA VAL B 383 -5.49 -24.88 -22.06
C VAL B 383 -5.12 -25.93 -21.01
N ALA B 384 -5.34 -25.60 -19.74
CA ALA B 384 -4.96 -26.49 -18.65
C ALA B 384 -5.50 -27.91 -18.87
N SER B 385 -6.79 -28.01 -19.21
CA SER B 385 -7.45 -29.29 -19.37
C SER B 385 -7.04 -30.06 -20.62
N ALA B 386 -6.25 -29.42 -21.49
CA ALA B 386 -5.65 -30.12 -22.62
C ALA B 386 -4.38 -30.87 -22.20
N GLY B 387 -3.87 -30.53 -21.02
CA GLY B 387 -2.64 -31.15 -20.48
C GLY B 387 -1.39 -30.38 -20.87
N ILE B 388 -1.60 -29.13 -21.27
CA ILE B 388 -0.53 -28.24 -21.62
C ILE B 388 -0.01 -27.59 -20.35
N SER B 389 1.32 -27.58 -20.17
CA SER B 389 1.92 -26.85 -19.06
C SER B 389 2.02 -25.36 -19.35
N TYR B 390 2.12 -24.57 -18.28
CA TYR B 390 2.02 -23.11 -18.37
C TYR B 390 2.97 -22.44 -19.37
N LYS B 391 4.20 -22.95 -19.49
CA LYS B 391 5.22 -22.35 -20.38
C LYS B 391 5.27 -22.92 -21.80
N ASP B 392 4.41 -23.90 -22.08
CA ASP B 392 4.34 -24.50 -23.41
C ASP B 392 3.32 -23.70 -24.24
N ARG B 393 3.81 -22.77 -25.05
CA ARG B 393 2.94 -21.83 -25.76
C ARG B 393 2.58 -22.27 -27.19
N GLU B 394 2.81 -23.53 -27.53
CA GLU B 394 2.53 -24.02 -28.90
C GLU B 394 1.07 -23.89 -29.31
N TRP B 395 0.17 -23.98 -28.34
CA TRP B 395 -1.25 -23.86 -28.60
C TRP B 395 -1.63 -22.50 -29.18
N CYS B 396 -0.78 -21.50 -28.96
CA CYS B 396 -0.97 -20.15 -29.52
C CYS B 396 -0.82 -20.09 -31.03
N PHE B 397 -0.30 -21.16 -31.62
CA PHE B 397 0.06 -21.19 -33.04
C PHE B 397 -0.55 -22.35 -33.83
N THR B 398 -1.16 -23.30 -33.12
CA THR B 398 -1.64 -24.53 -33.75
C THR B 398 -3.16 -24.61 -33.95
N GLY B 399 -3.87 -23.49 -33.80
CA GLY B 399 -5.30 -23.46 -34.04
C GLY B 399 -5.66 -23.56 -35.52
N GLU B 400 -6.92 -23.87 -35.79
CA GLU B 400 -7.39 -23.97 -37.17
C GLU B 400 -7.28 -22.64 -37.89
N ARG B 401 -7.39 -22.68 -39.22
CA ARG B 401 -7.11 -21.53 -40.08
C ARG B 401 -7.87 -20.25 -39.68
N ASN B 402 -9.11 -20.42 -39.25
CA ASN B 402 -9.96 -19.28 -38.90
C ASN B 402 -9.66 -18.60 -37.55
N ASN B 403 -8.81 -19.23 -36.74
CA ASN B 403 -8.36 -18.65 -35.47
C ASN B 403 -7.19 -17.67 -35.64
N GLN B 404 -6.80 -17.40 -36.89
CA GLN B 404 -5.76 -16.42 -37.15
C GLN B 404 -6.19 -15.07 -36.61
N ILE B 405 -5.34 -14.48 -35.78
CA ILE B 405 -5.64 -13.17 -35.21
C ILE B 405 -5.16 -12.08 -36.16
N LEU B 406 -6.04 -11.12 -36.39
CA LEU B 406 -5.75 -9.99 -37.25
C LEU B 406 -5.74 -8.73 -36.44
N GLU B 407 -4.77 -7.86 -36.72
CA GLU B 407 -4.65 -6.56 -36.07
C GLU B 407 -4.40 -5.54 -37.16
N GLU B 408 -5.24 -4.51 -37.21
CA GLU B 408 -5.20 -3.52 -38.30
C GLU B 408 -5.35 -4.21 -39.66
N ASN B 409 -6.16 -5.27 -39.72
CA ASN B 409 -6.42 -6.05 -40.94
C ASN B 409 -5.23 -6.89 -41.41
N MET B 410 -4.23 -7.03 -40.56
CA MET B 410 -3.03 -7.80 -40.90
C MET B 410 -2.85 -8.97 -39.97
N GLU B 411 -2.33 -10.06 -40.53
CA GLU B 411 -2.03 -11.26 -39.77
C GLU B 411 -0.98 -10.96 -38.70
N VAL B 412 -1.31 -11.25 -37.45
CA VAL B 412 -0.39 -10.99 -36.35
C VAL B 412 0.74 -12.01 -36.37
N GLU B 413 1.98 -11.50 -36.43
CA GLU B 413 3.18 -12.33 -36.32
C GLU B 413 3.75 -12.24 -34.92
N ILE B 414 4.22 -13.38 -34.41
CA ILE B 414 4.90 -13.43 -33.13
C ILE B 414 6.32 -13.94 -33.33
N TRP B 415 7.29 -13.27 -32.73
CA TRP B 415 8.67 -13.74 -32.73
C TRP B 415 9.00 -14.38 -31.40
N THR B 416 9.28 -15.67 -31.44
CA THR B 416 9.47 -16.44 -30.21
C THR B 416 10.83 -16.20 -29.58
N ARG B 417 10.91 -16.55 -28.30
CA ARG B 417 12.14 -16.50 -27.51
C ARG B 417 13.33 -17.20 -28.15
N GLU B 418 13.07 -18.12 -29.08
CA GLU B 418 14.14 -18.81 -29.83
C GLU B 418 14.36 -18.26 -31.23
N GLY B 419 13.88 -17.04 -31.48
CA GLY B 419 14.07 -16.38 -32.78
C GLY B 419 13.20 -16.88 -33.93
N GLU B 420 12.19 -17.70 -33.63
CA GLU B 420 11.26 -18.19 -34.66
C GLU B 420 10.11 -17.22 -34.89
N LYS B 421 9.65 -17.12 -36.14
CA LYS B 421 8.54 -16.24 -36.50
C LYS B 421 7.31 -17.08 -36.79
N LYS B 422 6.26 -16.86 -36.01
CA LYS B 422 5.05 -17.67 -36.10
C LYS B 422 3.82 -16.76 -36.12
N LYS B 423 2.78 -17.21 -36.81
CA LYS B 423 1.50 -16.50 -36.87
C LYS B 423 0.65 -16.80 -35.65
N LEU B 424 0.08 -15.76 -35.03
CA LEU B 424 -0.79 -15.93 -33.88
C LEU B 424 -2.13 -16.52 -34.31
N ARG B 425 -2.31 -17.78 -33.96
CA ARG B 425 -3.45 -18.55 -34.38
C ARG B 425 -3.74 -19.55 -33.27
N PRO B 426 -4.34 -19.07 -32.15
CA PRO B 426 -4.49 -19.95 -31.00
C PRO B 426 -5.59 -20.98 -31.19
N LYS B 427 -5.42 -22.13 -30.54
CA LYS B 427 -6.35 -23.26 -30.60
C LYS B 427 -7.71 -22.89 -30.01
N TRP B 428 -7.72 -21.94 -29.09
CA TRP B 428 -8.95 -21.46 -28.47
C TRP B 428 -9.03 -19.94 -28.59
N LEU B 429 -10.19 -19.43 -29.01
CA LEU B 429 -10.40 -18.01 -29.15
C LEU B 429 -11.14 -17.43 -27.96
N ASP B 430 -10.54 -16.44 -27.32
CA ASP B 430 -11.22 -15.67 -26.28
C ASP B 430 -11.00 -14.20 -26.56
N ALA B 431 -12.05 -13.52 -27.02
CA ALA B 431 -11.96 -12.12 -27.46
C ALA B 431 -11.36 -11.17 -26.41
N ARG B 432 -11.27 -11.63 -25.16
CA ARG B 432 -10.75 -10.77 -24.11
C ARG B 432 -9.23 -10.63 -24.16
N VAL B 433 -8.55 -11.60 -24.75
CA VAL B 433 -7.11 -11.46 -24.94
C VAL B 433 -6.72 -10.80 -26.27
N TYR B 434 -7.70 -10.41 -27.10
CA TYR B 434 -7.33 -9.81 -28.40
C TYR B 434 -8.18 -8.63 -28.95
N ALA B 435 -9.32 -8.36 -28.34
CA ALA B 435 -10.21 -7.28 -28.80
C ALA B 435 -9.61 -5.89 -28.59
N ASP B 436 -9.24 -5.58 -27.35
CA ASP B 436 -8.56 -4.31 -27.04
C ASP B 436 -7.09 -4.40 -27.43
N PRO B 437 -6.57 -3.37 -28.13
CA PRO B 437 -5.17 -3.47 -28.59
C PRO B 437 -4.16 -3.68 -27.47
N MET B 438 -4.37 -3.05 -26.32
CA MET B 438 -3.49 -3.27 -25.17
C MET B 438 -3.52 -4.72 -24.70
N ALA B 439 -4.73 -5.29 -24.62
CA ALA B 439 -4.89 -6.70 -24.26
C ALA B 439 -4.15 -7.60 -25.26
N LEU B 440 -4.26 -7.29 -26.55
CA LEU B 440 -3.55 -8.04 -27.60
C LEU B 440 -2.03 -7.99 -27.41
N LYS B 441 -1.49 -6.82 -27.03
CA LYS B 441 -0.05 -6.69 -26.80
C LYS B 441 0.38 -7.60 -25.66
N ASP B 442 -0.44 -7.64 -24.60
CA ASP B 442 -0.20 -8.51 -23.45
C ASP B 442 -0.13 -9.96 -23.90
N PHE B 443 -1.11 -10.33 -24.73
CA PHE B 443 -1.24 -11.67 -25.23
C PHE B 443 -0.13 -12.00 -26.22
N LYS B 444 0.35 -10.99 -26.95
CA LYS B 444 1.49 -11.17 -27.83
C LYS B 444 2.73 -11.48 -27.01
N GLU B 445 2.89 -10.76 -25.89
CA GLU B 445 3.94 -11.04 -24.90
C GLU B 445 3.86 -12.48 -24.37
N PHE B 446 2.63 -12.97 -24.17
CA PHE B 446 2.40 -14.29 -23.65
C PHE B 446 2.84 -15.34 -24.66
N ALA B 447 2.34 -15.18 -25.89
CA ALA B 447 2.68 -16.08 -26.99
C ALA B 447 4.18 -16.10 -27.26
N SER B 448 4.86 -14.97 -27.02
CA SER B 448 6.30 -14.82 -27.26
C SER B 448 7.17 -15.63 -26.32
N GLY B 449 6.61 -16.02 -25.18
CA GLY B 449 7.35 -16.70 -24.12
C GLY B 449 7.79 -15.73 -23.06
N ARG B 450 7.27 -14.50 -23.13
CA ARG B 450 7.71 -13.39 -22.27
C ARG B 450 6.89 -13.20 -20.99
N LYS B 451 5.85 -14.00 -20.81
CA LYS B 451 5.10 -14.03 -19.56
C LYS B 451 5.17 -15.42 -18.93
#